data_4PN0
#
_entry.id   4PN0
#
_cell.length_a   66.340
_cell.length_b   93.660
_cell.length_c   123.980
_cell.angle_alpha   90.00
_cell.angle_beta   104.10
_cell.angle_gamma   90.00
#
_symmetry.space_group_name_H-M   'P 1 21 1'
#
loop_
_entity.id
_entity.type
_entity.pdbx_description
1 polymer 'mRNA-capping enzyme subunit beta'
2 water water
#
_entity_poly.entity_id   1
_entity_poly.type   'polypeptide(L)'
_entity_poly.pdbx_seq_one_letter_code
;SMDLKGLLHEENELPSIEKRKIDENAVEHDKVERKRTKSVAVPKIEMNFLNKPIVPDTTKVISNFLTHYLITEPVEHVEI
EAKLGTLIDLETQNRFEFPVMNETILNPEFNLRTRFESDMTASEHKYLNEFLNQAFRDSQKPGRLPFAYKHTKQVDLFYE
TEDNSRDKIRVSKNQSDNQVLACVKKRRVADLFLYCPNDAFDIRISISDELPVSMPSGNQQPSLTRLKDRVGYVHQEIKI
DLTKTTQNDPVYDTTERHELEVEFGNIADLRDRAQKAKDGMEAPLFRRVQLFMDNVRILRREHS
;
_entity_poly.pdbx_strand_id   A,B,C,D
#
# COMPACT_ATOMS: atom_id res chain seq x y z
N ALA A 41 2.10 7.48 -11.00
CA ALA A 41 1.54 6.27 -10.39
C ALA A 41 2.04 5.01 -11.09
N VAL A 42 3.29 5.05 -11.57
CA VAL A 42 3.88 3.91 -12.26
C VAL A 42 4.28 2.80 -11.29
N PRO A 43 3.69 1.61 -11.46
CA PRO A 43 3.99 0.44 -10.64
C PRO A 43 5.23 -0.30 -11.15
N LYS A 44 5.65 -1.33 -10.42
CA LYS A 44 6.77 -2.15 -10.85
C LYS A 44 6.30 -3.22 -11.82
N ILE A 45 5.23 -3.91 -11.47
CA ILE A 45 4.67 -4.95 -12.32
C ILE A 45 3.15 -4.87 -12.41
N GLU A 46 2.59 -5.46 -13.45
CA GLU A 46 1.15 -5.57 -13.62
C GLU A 46 0.77 -7.04 -13.69
N MET A 47 -0.46 -7.36 -13.30
CA MET A 47 -0.91 -8.75 -13.28
C MET A 47 -0.98 -9.33 -14.70
N ASN A 48 -1.27 -8.44 -15.66
CA ASN A 48 -1.31 -8.81 -17.07
C ASN A 48 -1.32 -7.53 -17.90
N PHE A 49 -1.30 -7.65 -19.22
CA PHE A 49 -1.20 -6.47 -20.08
C PHE A 49 -2.48 -5.61 -20.07
N LEU A 50 -3.56 -6.17 -19.54
CA LEU A 50 -4.81 -5.44 -19.41
C LEU A 50 -4.88 -4.71 -18.07
N ASN A 51 -3.98 -5.09 -17.16
CA ASN A 51 -3.98 -4.58 -15.78
C ASN A 51 -5.30 -4.87 -15.07
N LYS A 52 -6.03 -5.87 -15.57
CA LYS A 52 -7.30 -6.29 -14.98
C LYS A 52 -7.19 -7.69 -14.39
N PRO A 53 -7.94 -7.95 -13.31
CA PRO A 53 -7.96 -9.29 -12.71
C PRO A 53 -8.42 -10.35 -13.71
N ILE A 54 -7.63 -11.40 -13.87
CA ILE A 54 -7.98 -12.48 -14.78
C ILE A 54 -8.36 -13.73 -14.01
N VAL A 55 -9.53 -14.28 -14.33
CA VAL A 55 -10.05 -15.44 -13.65
C VAL A 55 -9.92 -16.69 -14.53
N PRO A 56 -9.28 -17.74 -13.99
CA PRO A 56 -9.08 -19.00 -14.73
C PRO A 56 -10.40 -19.69 -15.03
N ASP A 57 -10.37 -20.65 -15.96
CA ASP A 57 -11.58 -21.35 -16.38
C ASP A 57 -12.28 -22.05 -15.23
N THR A 58 -11.51 -22.73 -14.39
CA THR A 58 -12.06 -23.52 -13.29
C THR A 58 -12.97 -22.70 -12.38
N THR A 59 -12.50 -21.53 -11.99
CA THR A 59 -13.28 -20.63 -11.14
C THR A 59 -14.55 -20.18 -11.85
N LYS A 60 -14.45 -19.94 -13.15
CA LYS A 60 -15.61 -19.51 -13.93
C LYS A 60 -16.66 -20.60 -14.07
N VAL A 61 -16.21 -21.83 -14.33
CA VAL A 61 -17.13 -22.95 -14.47
C VAL A 61 -17.86 -23.22 -13.15
N ILE A 62 -17.09 -23.29 -12.07
CA ILE A 62 -17.64 -23.51 -10.74
C ILE A 62 -18.60 -22.39 -10.35
N SER A 63 -18.24 -21.16 -10.67
CA SER A 63 -19.09 -20.01 -10.36
C SER A 63 -20.42 -20.12 -11.09
N ASN A 64 -20.37 -20.45 -12.38
CA ASN A 64 -21.57 -20.63 -13.17
C ASN A 64 -22.42 -21.78 -12.62
N PHE A 65 -21.73 -22.84 -12.21
CA PHE A 65 -22.38 -23.99 -11.60
C PHE A 65 -23.17 -23.58 -10.36
N LEU A 66 -22.54 -22.80 -9.48
CA LEU A 66 -23.20 -22.32 -8.28
C LEU A 66 -24.33 -21.34 -8.61
N THR A 67 -24.09 -20.46 -9.58
CA THR A 67 -25.08 -19.47 -9.96
C THR A 67 -26.35 -20.11 -10.51
N HIS A 68 -26.18 -21.22 -11.23
CA HIS A 68 -27.31 -21.95 -11.79
C HIS A 68 -28.22 -22.52 -10.72
N TYR A 69 -27.66 -22.82 -9.55
CA TYR A 69 -28.43 -23.42 -8.47
C TYR A 69 -28.64 -22.47 -7.30
N LEU A 70 -28.26 -21.20 -7.50
CA LEU A 70 -28.53 -20.17 -6.51
C LEU A 70 -29.49 -19.13 -7.07
N ILE A 71 -29.35 -18.83 -8.36
CA ILE A 71 -30.16 -17.79 -8.99
C ILE A 71 -31.04 -18.32 -10.12
N THR A 72 -30.45 -19.05 -11.06
CA THR A 72 -31.17 -19.49 -12.25
C THR A 72 -32.34 -20.41 -11.91
N GLU A 73 -32.05 -21.53 -11.27
CA GLU A 73 -33.09 -22.39 -10.74
C GLU A 73 -32.72 -22.77 -9.31
N PRO A 74 -32.96 -21.85 -8.37
CA PRO A 74 -32.48 -21.92 -6.99
C PRO A 74 -32.93 -23.17 -6.24
N VAL A 75 -31.97 -23.93 -5.73
CA VAL A 75 -32.28 -25.04 -4.86
C VAL A 75 -32.67 -24.49 -3.51
N GLU A 76 -33.83 -24.88 -3.02
CA GLU A 76 -34.32 -24.41 -1.73
C GLU A 76 -33.65 -25.16 -0.59
N HIS A 77 -33.36 -24.45 0.50
CA HIS A 77 -32.62 -25.01 1.64
C HIS A 77 -31.31 -25.62 1.17
N VAL A 78 -30.56 -24.83 0.42
CA VAL A 78 -29.38 -25.32 -0.30
C VAL A 78 -28.17 -25.54 0.61
N GLU A 79 -27.40 -26.59 0.33
CA GLU A 79 -26.15 -26.82 1.03
C GLU A 79 -25.02 -27.08 0.03
N ILE A 80 -24.08 -26.13 -0.05
CA ILE A 80 -22.93 -26.27 -0.92
C ILE A 80 -21.75 -26.85 -0.14
N GLU A 81 -21.30 -28.04 -0.52
CA GLU A 81 -20.17 -28.66 0.16
C GLU A 81 -19.22 -29.36 -0.80
N ALA A 82 -17.92 -29.14 -0.58
CA ALA A 82 -16.88 -29.80 -1.37
C ALA A 82 -16.13 -30.81 -0.51
N LYS A 83 -16.19 -32.08 -0.91
CA LYS A 83 -15.54 -33.15 -0.16
C LYS A 83 -14.29 -33.67 -0.85
N LEU A 84 -13.20 -33.79 -0.10
CA LEU A 84 -12.02 -34.49 -0.58
C LEU A 84 -12.35 -35.97 -0.63
N GLY A 85 -11.78 -36.68 -1.60
CA GLY A 85 -12.01 -38.09 -1.71
C GLY A 85 -11.33 -38.73 -2.91
N THR A 86 -11.91 -39.81 -3.40
CA THR A 86 -11.36 -40.54 -4.53
C THR A 86 -12.43 -40.78 -5.60
N LEU A 87 -12.17 -40.28 -6.81
CA LEU A 87 -13.09 -40.49 -7.91
C LEU A 87 -12.87 -41.87 -8.51
N ILE A 88 -13.92 -42.68 -8.52
CA ILE A 88 -13.81 -44.06 -8.98
C ILE A 88 -14.42 -44.29 -10.36
N ASP A 89 -13.62 -44.80 -11.28
CA ASP A 89 -14.11 -45.22 -12.60
C ASP A 89 -14.85 -46.53 -12.42
N LEU A 90 -16.14 -46.55 -12.73
CA LEU A 90 -16.96 -47.74 -12.55
C LEU A 90 -16.45 -48.96 -13.31
N GLU A 91 -15.86 -48.72 -14.48
CA GLU A 91 -15.37 -49.81 -15.31
C GLU A 91 -14.11 -50.45 -14.73
N THR A 92 -13.11 -49.62 -14.43
CA THR A 92 -11.88 -50.12 -13.84
C THR A 92 -12.08 -50.48 -12.38
N GLN A 93 -13.12 -49.91 -11.78
CA GLN A 93 -13.41 -50.07 -10.35
C GLN A 93 -12.27 -49.60 -9.47
N ASN A 94 -11.37 -48.82 -10.05
CA ASN A 94 -10.28 -48.18 -9.30
C ASN A 94 -10.36 -46.68 -9.48
N ARG A 95 -9.35 -45.96 -8.99
CA ARG A 95 -9.35 -44.51 -9.12
C ARG A 95 -9.30 -44.10 -10.58
N PHE A 96 -10.11 -43.10 -10.92
CA PHE A 96 -10.21 -42.60 -12.28
C PHE A 96 -8.84 -42.18 -12.81
N GLU A 97 -8.54 -42.59 -14.04
CA GLU A 97 -7.27 -42.21 -14.67
C GLU A 97 -7.53 -41.41 -15.94
N PHE A 98 -6.77 -40.35 -16.12
CA PHE A 98 -6.94 -39.47 -17.26
C PHE A 98 -5.57 -39.00 -17.76
N PRO A 99 -5.43 -38.89 -19.09
CA PRO A 99 -4.18 -38.42 -19.70
C PRO A 99 -4.04 -36.90 -19.59
N VAL A 100 -4.31 -36.36 -18.40
CA VAL A 100 -4.21 -34.93 -18.16
C VAL A 100 -3.25 -34.66 -17.02
N MET A 101 -2.67 -33.46 -17.00
CA MET A 101 -1.61 -33.17 -16.04
C MET A 101 -1.96 -32.05 -15.06
N ASN A 102 -3.25 -31.77 -14.92
CA ASN A 102 -3.71 -30.71 -14.03
C ASN A 102 -5.13 -30.92 -13.55
N GLU A 103 -5.55 -30.12 -12.57
CA GLU A 103 -6.90 -30.17 -12.03
C GLU A 103 -7.94 -30.06 -13.14
N THR A 104 -8.78 -31.09 -13.26
CA THR A 104 -9.72 -31.17 -14.37
C THR A 104 -11.17 -31.38 -13.93
N ILE A 105 -12.04 -30.45 -14.32
CA ILE A 105 -13.48 -30.58 -14.09
C ILE A 105 -14.10 -31.42 -15.20
N LEU A 106 -14.81 -32.47 -14.82
CA LEU A 106 -15.42 -33.37 -15.80
C LEU A 106 -16.74 -32.85 -16.36
N ASN A 107 -17.08 -33.32 -17.55
CA ASN A 107 -18.40 -33.11 -18.13
C ASN A 107 -19.43 -33.89 -17.31
N PRO A 108 -20.71 -33.51 -17.40
CA PRO A 108 -21.73 -34.21 -16.59
C PRO A 108 -21.94 -35.66 -17.02
N GLU A 109 -21.68 -35.98 -18.28
CA GLU A 109 -21.89 -37.33 -18.80
C GLU A 109 -21.05 -38.39 -18.11
N PHE A 110 -19.98 -37.95 -17.45
CA PHE A 110 -19.10 -38.86 -16.73
C PHE A 110 -19.71 -39.27 -15.39
N ASN A 111 -20.54 -38.39 -14.82
CA ASN A 111 -21.14 -38.61 -13.52
C ASN A 111 -22.00 -39.88 -13.44
N LEU A 112 -22.41 -40.38 -14.60
CA LEU A 112 -23.22 -41.59 -14.67
C LEU A 112 -22.40 -42.83 -15.01
N ARG A 113 -21.08 -42.67 -15.06
CA ARG A 113 -20.18 -43.79 -15.29
C ARG A 113 -18.99 -43.74 -14.33
N THR A 114 -19.13 -42.93 -13.28
CA THR A 114 -18.14 -42.86 -12.23
C THR A 114 -18.81 -42.65 -10.87
N ARG A 115 -18.14 -43.07 -9.80
CA ARG A 115 -18.65 -42.83 -8.46
C ARG A 115 -17.58 -42.21 -7.58
N PHE A 116 -18.00 -41.66 -6.45
CA PHE A 116 -17.10 -40.93 -5.56
C PHE A 116 -17.01 -41.56 -4.18
N GLU A 117 -15.81 -41.58 -3.61
CA GLU A 117 -15.60 -42.09 -2.26
C GLU A 117 -15.02 -41.01 -1.35
N SER A 118 -15.84 -40.52 -0.43
CA SER A 118 -15.42 -39.44 0.47
C SER A 118 -14.69 -39.98 1.70
N ASP A 119 -14.53 -41.30 1.77
CA ASP A 119 -13.83 -41.93 2.88
C ASP A 119 -12.33 -42.00 2.62
N MET A 120 -11.55 -41.45 3.55
CA MET A 120 -10.09 -41.53 3.49
C MET A 120 -9.56 -42.37 4.64
N THR A 121 -8.25 -42.61 4.65
CA THR A 121 -7.64 -43.40 5.71
C THR A 121 -7.41 -42.56 6.96
N ALA A 122 -7.36 -43.22 8.11
CA ALA A 122 -7.17 -42.53 9.39
C ALA A 122 -5.84 -41.78 9.46
N SER A 123 -4.80 -42.34 8.84
CA SER A 123 -3.50 -41.68 8.82
C SER A 123 -3.56 -40.39 8.00
N GLU A 124 -4.30 -40.43 6.90
CA GLU A 124 -4.51 -39.24 6.08
C GLU A 124 -5.33 -38.21 6.84
N HIS A 125 -6.32 -38.70 7.58
CA HIS A 125 -7.19 -37.84 8.36
C HIS A 125 -6.40 -37.18 9.50
N LYS A 126 -5.53 -37.95 10.13
CA LYS A 126 -4.70 -37.43 11.21
C LYS A 126 -3.69 -36.42 10.68
N TYR A 127 -3.15 -36.70 9.50
CA TYR A 127 -2.16 -35.81 8.88
C TYR A 127 -2.80 -34.47 8.57
N LEU A 128 -4.03 -34.51 8.08
CA LEU A 128 -4.79 -33.29 7.79
C LEU A 128 -5.20 -32.59 9.07
N ASN A 129 -5.52 -33.39 10.09
CA ASN A 129 -5.92 -32.85 11.39
C ASN A 129 -4.78 -32.05 12.02
N GLU A 130 -3.57 -32.59 11.98
CA GLU A 130 -2.41 -31.92 12.53
C GLU A 130 -2.06 -30.67 11.72
N PHE A 131 -2.24 -30.74 10.41
CA PHE A 131 -1.97 -29.61 9.55
C PHE A 131 -2.90 -28.44 9.86
N LEU A 132 -4.17 -28.74 10.04
CA LEU A 132 -5.16 -27.73 10.35
C LEU A 132 -4.94 -27.10 11.73
N ASN A 133 -4.46 -27.91 12.67
CA ASN A 133 -4.15 -27.41 14.01
C ASN A 133 -3.02 -26.39 14.00
N GLN A 134 -2.03 -26.61 13.14
CA GLN A 134 -0.92 -25.69 13.00
C GLN A 134 -1.38 -24.41 12.31
N ALA A 135 -2.22 -24.56 11.29
CA ALA A 135 -2.81 -23.43 10.60
C ALA A 135 -3.69 -22.64 11.57
N PHE A 136 -4.34 -23.37 12.48
CA PHE A 136 -5.16 -22.75 13.52
C PHE A 136 -4.32 -21.89 14.44
N ARG A 137 -3.21 -22.45 14.91
CA ARG A 137 -2.31 -21.74 15.83
C ARG A 137 -1.64 -20.55 15.15
N ASP A 138 -1.34 -20.70 13.86
CA ASP A 138 -0.65 -19.64 13.13
C ASP A 138 -1.56 -18.44 12.85
N SER A 139 -2.86 -18.71 12.71
CA SER A 139 -3.82 -17.65 12.42
C SER A 139 -4.07 -16.76 13.64
N GLN A 140 -3.58 -17.20 14.79
CA GLN A 140 -3.77 -16.43 16.03
C GLN A 140 -2.63 -15.43 16.22
N LYS A 141 -1.61 -15.55 15.38
CA LYS A 141 -0.50 -14.61 15.41
C LYS A 141 -1.01 -13.20 15.10
N PRO A 142 -0.31 -12.18 15.62
CA PRO A 142 -0.70 -10.79 15.32
C PRO A 142 -0.54 -10.48 13.83
N GLY A 143 -1.57 -9.89 13.23
CA GLY A 143 -1.54 -9.55 11.83
C GLY A 143 -2.36 -10.48 10.96
N ARG A 144 -2.73 -11.63 11.51
CA ARG A 144 -3.49 -12.63 10.78
C ARG A 144 -4.99 -12.55 11.07
N LEU A 145 -5.78 -13.18 10.20
CA LEU A 145 -7.21 -13.36 10.45
C LEU A 145 -7.41 -14.70 11.15
N PRO A 146 -7.92 -14.66 12.39
CA PRO A 146 -8.04 -15.82 13.28
C PRO A 146 -8.94 -16.93 12.76
N PHE A 147 -8.54 -18.16 13.04
CA PHE A 147 -9.39 -19.33 12.84
C PHE A 147 -10.38 -19.43 13.99
N ALA A 148 -11.55 -19.99 13.71
CA ALA A 148 -12.51 -20.32 14.77
C ALA A 148 -12.53 -21.83 14.93
N TYR A 149 -12.73 -22.30 16.16
CA TYR A 149 -12.73 -23.73 16.43
C TYR A 149 -14.04 -24.18 17.06
N LYS A 150 -14.52 -25.34 16.64
CA LYS A 150 -15.79 -25.87 17.12
C LYS A 150 -15.82 -27.38 16.96
N HIS A 151 -15.77 -28.10 18.08
CA HIS A 151 -15.77 -29.57 18.07
C HIS A 151 -17.09 -30.09 18.62
N THR A 152 -17.92 -30.65 17.75
CA THR A 152 -19.20 -31.23 18.17
C THR A 152 -19.17 -32.75 18.10
N LYS A 153 -19.88 -33.38 19.04
CA LYS A 153 -20.01 -34.83 19.06
C LYS A 153 -21.50 -35.17 19.05
N GLN A 154 -21.97 -35.70 17.93
CA GLN A 154 -23.40 -35.87 17.71
C GLN A 154 -23.81 -37.28 17.32
N VAL A 155 -25.12 -37.51 17.29
CA VAL A 155 -25.68 -38.81 16.92
C VAL A 155 -26.71 -38.61 15.81
N ASP A 156 -26.58 -39.39 14.74
CA ASP A 156 -27.51 -39.29 13.63
C ASP A 156 -28.46 -40.47 13.58
N LEU A 157 -29.74 -40.20 13.72
CA LEU A 157 -30.78 -41.23 13.64
C LEU A 157 -31.49 -41.13 12.30
N PHE A 158 -31.67 -42.27 11.64
CA PHE A 158 -32.33 -42.30 10.34
C PHE A 158 -33.66 -43.06 10.37
N TYR A 159 -34.74 -42.37 10.03
CA TYR A 159 -36.07 -42.96 9.98
C TYR A 159 -36.53 -43.09 8.54
N GLU A 160 -37.62 -43.82 8.31
CA GLU A 160 -38.11 -44.05 6.96
C GLU A 160 -39.28 -43.16 6.57
N THR A 161 -39.48 -42.99 5.27
CA THR A 161 -40.58 -42.21 4.72
C THR A 161 -41.13 -42.86 3.47
N GLU A 162 -42.35 -42.49 3.09
CA GLU A 162 -43.00 -43.06 1.91
C GLU A 162 -43.63 -41.98 1.03
N ARG A 166 -38.04 -41.86 -2.54
CA ARG A 166 -38.04 -42.30 -1.14
C ARG A 166 -36.66 -42.19 -0.53
N ASP A 167 -36.54 -41.41 0.55
CA ASP A 167 -35.27 -41.24 1.24
C ASP A 167 -35.41 -41.58 2.72
N LYS A 168 -34.55 -40.98 3.53
CA LYS A 168 -34.58 -41.18 4.97
C LYS A 168 -34.59 -39.82 5.67
N ILE A 169 -35.15 -39.80 6.88
CA ILE A 169 -35.15 -38.59 7.69
C ILE A 169 -33.99 -38.64 8.68
N ARG A 170 -33.14 -37.62 8.66
CA ARG A 170 -31.99 -37.57 9.55
C ARG A 170 -32.25 -36.67 10.75
N VAL A 171 -32.24 -37.28 11.93
CA VAL A 171 -32.38 -36.53 13.18
C VAL A 171 -31.02 -36.45 13.88
N SER A 172 -30.51 -35.25 14.07
CA SER A 172 -29.22 -35.04 14.71
C SER A 172 -29.37 -34.58 16.15
N LYS A 173 -28.70 -35.27 17.06
CA LYS A 173 -28.76 -34.94 18.49
C LYS A 173 -27.36 -35.00 19.08
N ASN A 174 -27.11 -34.19 20.11
CA ASN A 174 -25.84 -34.25 20.81
C ASN A 174 -25.71 -35.56 21.58
N GLN A 175 -24.49 -35.95 21.89
CA GLN A 175 -24.26 -37.16 22.66
C GLN A 175 -24.39 -36.87 24.15
N SER A 176 -23.99 -35.67 24.54
CA SER A 176 -23.98 -35.28 25.94
C SER A 176 -25.39 -35.15 26.51
N ASP A 177 -26.11 -34.13 26.07
CA ASP A 177 -27.43 -33.84 26.61
C ASP A 177 -28.56 -34.51 25.84
N ASN A 178 -28.21 -35.16 24.73
CA ASN A 178 -29.18 -35.88 23.90
C ASN A 178 -30.28 -34.96 23.39
N GLN A 179 -29.95 -33.69 23.18
CA GLN A 179 -30.91 -32.71 22.69
C GLN A 179 -30.91 -32.64 21.17
N VAL A 180 -32.11 -32.58 20.58
CA VAL A 180 -32.26 -32.56 19.13
C VAL A 180 -31.70 -31.27 18.53
N LEU A 181 -30.83 -31.43 17.54
CA LEU A 181 -30.20 -30.29 16.87
C LEU A 181 -30.85 -29.99 15.52
N ALA A 182 -31.12 -31.04 14.75
CA ALA A 182 -31.71 -30.89 13.43
C ALA A 182 -32.53 -32.11 13.02
N CYS A 183 -33.51 -31.88 12.15
CA CYS A 183 -34.36 -32.95 11.66
C CYS A 183 -34.71 -32.66 10.21
N VAL A 184 -33.94 -33.25 9.29
CA VAL A 184 -33.99 -32.84 7.89
C VAL A 184 -34.08 -33.99 6.90
N LYS A 185 -34.72 -33.71 5.77
CA LYS A 185 -34.70 -34.61 4.63
C LYS A 185 -33.74 -34.04 3.59
N LYS A 186 -32.64 -34.76 3.37
CA LYS A 186 -31.58 -34.28 2.48
C LYS A 186 -31.69 -34.92 1.11
N ARG A 187 -31.57 -34.09 0.07
CA ARG A 187 -31.70 -34.56 -1.30
C ARG A 187 -30.58 -34.04 -2.18
N ARG A 188 -29.86 -34.95 -2.83
CA ARG A 188 -28.79 -34.57 -3.74
C ARG A 188 -29.39 -33.94 -4.99
N VAL A 189 -28.83 -32.82 -5.43
CA VAL A 189 -29.37 -32.11 -6.58
C VAL A 189 -28.41 -32.11 -7.77
N ALA A 190 -27.15 -31.75 -7.50
CA ALA A 190 -26.15 -31.66 -8.57
C ALA A 190 -24.74 -31.91 -8.03
N ASP A 191 -23.85 -32.36 -8.92
CA ASP A 191 -22.47 -32.68 -8.54
C ASP A 191 -21.47 -32.25 -9.60
N LEU A 192 -20.39 -31.60 -9.16
CA LEU A 192 -19.25 -31.31 -10.01
C LEU A 192 -18.06 -32.11 -9.53
N PHE A 193 -17.39 -32.79 -10.45
CA PHE A 193 -16.25 -33.61 -10.08
C PHE A 193 -14.94 -33.05 -10.60
N LEU A 194 -13.96 -32.92 -9.71
CA LEU A 194 -12.65 -32.43 -10.08
C LEU A 194 -11.59 -33.52 -9.93
N TYR A 195 -11.12 -34.03 -11.06
CA TYR A 195 -10.04 -35.00 -11.07
C TYR A 195 -8.70 -34.31 -10.84
N CYS A 196 -7.93 -34.81 -9.89
CA CYS A 196 -6.67 -34.19 -9.50
C CYS A 196 -5.53 -35.19 -9.55
N PRO A 197 -4.92 -35.36 -10.74
CA PRO A 197 -3.89 -36.38 -11.00
C PRO A 197 -2.61 -36.17 -10.20
N ASN A 198 -2.39 -34.95 -9.72
CA ASN A 198 -1.15 -34.62 -9.02
C ASN A 198 -1.27 -34.79 -7.50
N ASP A 199 -2.49 -35.01 -7.04
CA ASP A 199 -2.75 -35.12 -5.60
C ASP A 199 -3.35 -36.47 -5.24
N ALA A 200 -3.35 -36.79 -3.96
CA ALA A 200 -3.88 -38.06 -3.48
C ALA A 200 -5.40 -38.02 -3.34
N PHE A 201 -5.97 -36.83 -3.49
CA PHE A 201 -7.41 -36.66 -3.32
C PHE A 201 -8.09 -36.01 -4.51
N ASP A 202 -9.26 -36.51 -4.86
CA ASP A 202 -10.12 -35.86 -5.85
C ASP A 202 -11.16 -35.02 -5.11
N ILE A 203 -11.94 -34.23 -5.84
CA ILE A 203 -12.89 -33.33 -5.23
C ILE A 203 -14.30 -33.49 -5.79
N ARG A 204 -15.29 -33.54 -4.90
CA ARG A 204 -16.69 -33.47 -5.33
C ARG A 204 -17.36 -32.23 -4.78
N ILE A 205 -17.90 -31.40 -5.66
CA ILE A 205 -18.71 -30.26 -5.24
C ILE A 205 -20.18 -30.60 -5.42
N SER A 206 -20.89 -30.76 -4.31
CA SER A 206 -22.29 -31.18 -4.37
C SER A 206 -23.26 -30.06 -3.99
N ILE A 207 -24.41 -30.06 -4.63
CA ILE A 207 -25.49 -29.15 -4.28
C ILE A 207 -26.65 -29.97 -3.74
N SER A 208 -27.12 -29.65 -2.54
CA SER A 208 -28.17 -30.44 -1.89
C SER A 208 -29.33 -29.61 -1.39
N ASP A 209 -30.51 -30.22 -1.37
CA ASP A 209 -31.70 -29.66 -0.74
C ASP A 209 -31.82 -30.29 0.64
N GLU A 210 -31.59 -29.49 1.68
CA GLU A 210 -31.64 -29.99 3.04
C GLU A 210 -32.93 -29.56 3.74
N LEU A 211 -34.04 -30.14 3.32
CA LEU A 211 -35.37 -29.75 3.77
C LEU A 211 -35.65 -30.14 5.22
N PRO A 212 -35.90 -29.14 6.09
CA PRO A 212 -36.29 -29.39 7.47
C PRO A 212 -37.72 -29.91 7.55
N VAL A 213 -37.91 -31.03 8.24
CA VAL A 213 -39.22 -31.64 8.33
C VAL A 213 -39.65 -31.84 9.79
N SER A 214 -40.81 -32.47 9.98
CA SER A 214 -41.33 -32.74 11.30
C SER A 214 -40.63 -33.95 11.91
N MET A 215 -40.49 -33.95 13.23
CA MET A 215 -39.93 -35.09 13.95
C MET A 215 -40.80 -36.32 13.71
N PRO A 216 -40.16 -37.49 13.53
CA PRO A 216 -40.88 -38.74 13.29
C PRO A 216 -41.75 -39.13 14.47
N SER A 217 -42.66 -40.08 14.25
CA SER A 217 -43.52 -40.58 15.33
C SER A 217 -42.66 -41.13 16.46
N GLY A 218 -42.92 -40.66 17.67
CA GLY A 218 -42.13 -41.03 18.84
C GLY A 218 -42.00 -42.53 19.07
N ASN A 219 -43.04 -43.27 18.69
CA ASN A 219 -43.04 -44.71 18.87
C ASN A 219 -42.42 -45.45 17.69
N GLN A 220 -41.88 -44.70 16.74
CA GLN A 220 -41.16 -45.29 15.62
C GLN A 220 -39.66 -45.33 15.92
N GLN A 221 -39.02 -46.43 15.55
CA GLN A 221 -37.59 -46.62 15.80
C GLN A 221 -36.76 -46.22 14.58
N PRO A 222 -35.53 -45.74 14.81
CA PRO A 222 -34.62 -45.42 13.71
C PRO A 222 -34.21 -46.66 12.93
N SER A 223 -34.06 -46.52 11.61
CA SER A 223 -33.59 -47.63 10.78
C SER A 223 -32.08 -47.77 10.90
N LEU A 224 -31.39 -46.64 11.03
CA LEU A 224 -29.94 -46.64 11.16
C LEU A 224 -29.50 -45.65 12.24
N THR A 225 -28.42 -45.98 12.94
CA THR A 225 -27.89 -45.12 13.99
C THR A 225 -26.36 -45.06 13.93
N ARG A 226 -25.83 -43.86 13.80
CA ARG A 226 -24.38 -43.68 13.69
C ARG A 226 -23.92 -42.46 14.48
N LEU A 227 -22.71 -42.56 15.04
CA LEU A 227 -22.14 -41.48 15.82
C LEU A 227 -21.24 -40.63 14.94
N LYS A 228 -21.26 -39.33 15.15
CA LYS A 228 -20.55 -38.42 14.26
C LYS A 228 -19.73 -37.38 15.03
N ASP A 229 -18.42 -37.60 15.07
CA ASP A 229 -17.51 -36.63 15.65
C ASP A 229 -17.08 -35.61 14.60
N ARG A 230 -17.16 -34.33 14.93
CA ARG A 230 -16.88 -33.28 13.96
C ARG A 230 -15.99 -32.18 14.52
N VAL A 231 -14.84 -31.98 13.89
CA VAL A 231 -13.95 -30.88 14.25
C VAL A 231 -14.04 -29.79 13.19
N GLY A 232 -14.63 -28.67 13.55
CA GLY A 232 -14.89 -27.61 12.59
C GLY A 232 -14.00 -26.39 12.74
N TYR A 233 -13.34 -26.03 11.64
CA TYR A 233 -12.56 -24.79 11.60
C TYR A 233 -13.29 -23.78 10.73
N VAL A 234 -13.23 -22.51 11.12
CA VAL A 234 -13.86 -21.46 10.35
C VAL A 234 -12.91 -20.30 10.12
N HIS A 235 -12.66 -19.99 8.84
CA HIS A 235 -11.79 -18.89 8.48
C HIS A 235 -12.44 -18.09 7.36
N GLN A 236 -12.61 -16.79 7.59
CA GLN A 236 -13.25 -15.90 6.62
C GLN A 236 -14.60 -16.45 6.17
N GLU A 237 -15.37 -16.95 7.13
CA GLU A 237 -16.68 -17.54 6.87
C GLU A 237 -16.63 -18.70 5.88
N ILE A 238 -15.49 -19.39 5.86
CA ILE A 238 -15.39 -20.64 5.11
C ILE A 238 -15.13 -21.78 6.09
N LYS A 239 -16.06 -22.73 6.11
CA LYS A 239 -16.03 -23.80 7.09
C LYS A 239 -15.30 -25.03 6.59
N ILE A 240 -14.33 -25.50 7.38
CA ILE A 240 -13.63 -26.75 7.11
C ILE A 240 -13.95 -27.76 8.20
N ASP A 241 -14.60 -28.86 7.83
CA ASP A 241 -15.05 -29.85 8.81
C ASP A 241 -14.43 -31.23 8.67
N LEU A 242 -13.58 -31.60 9.62
CA LEU A 242 -13.09 -32.96 9.74
C LEU A 242 -14.12 -33.81 10.44
N THR A 243 -14.42 -34.99 9.87
CA THR A 243 -15.50 -35.81 10.39
C THR A 243 -15.14 -37.28 10.53
N LYS A 244 -15.35 -37.82 11.71
CA LYS A 244 -15.26 -39.26 11.94
C LYS A 244 -16.67 -39.78 12.18
N THR A 245 -17.04 -40.83 11.47
CA THR A 245 -18.37 -41.42 11.65
C THR A 245 -18.29 -42.92 11.93
N THR A 246 -18.52 -43.29 13.19
CA THR A 246 -18.52 -44.69 13.57
C THR A 246 -19.89 -45.29 13.23
N GLN A 247 -19.87 -46.50 12.69
CA GLN A 247 -21.10 -47.15 12.25
C GLN A 247 -21.12 -48.62 12.64
N ASN A 248 -22.21 -49.30 12.32
CA ASN A 248 -22.33 -50.73 12.61
C ASN A 248 -22.99 -51.50 11.49
N ASP A 249 -22.94 -52.82 11.60
CA ASP A 249 -23.56 -53.69 10.61
C ASP A 249 -23.79 -55.07 11.20
N PRO A 250 -24.99 -55.64 10.96
CA PRO A 250 -25.38 -56.94 11.51
C PRO A 250 -24.46 -58.07 11.05
N VAL A 251 -23.95 -57.99 9.83
CA VAL A 251 -23.12 -59.04 9.26
C VAL A 251 -21.63 -58.71 9.32
N TYR A 252 -21.23 -57.71 8.54
CA TYR A 252 -19.82 -57.41 8.35
C TYR A 252 -19.21 -56.56 9.47
N ASP A 253 -17.94 -56.82 9.77
CA ASP A 253 -17.16 -55.98 10.66
C ASP A 253 -16.95 -54.66 9.93
N THR A 254 -17.38 -53.56 10.52
CA THR A 254 -17.22 -52.27 9.88
C THR A 254 -16.32 -51.34 10.69
N THR A 255 -15.85 -50.28 10.05
CA THR A 255 -14.96 -49.32 10.68
C THR A 255 -15.53 -47.92 10.61
N GLU A 256 -14.95 -47.01 11.38
CA GLU A 256 -15.34 -45.61 11.31
C GLU A 256 -14.69 -44.99 10.08
N ARG A 257 -15.45 -44.16 9.37
CA ARG A 257 -14.92 -43.51 8.18
C ARG A 257 -14.42 -42.10 8.48
N HIS A 258 -13.56 -41.59 7.62
CA HIS A 258 -12.96 -40.27 7.81
C HIS A 258 -13.24 -39.37 6.62
N GLU A 259 -13.68 -38.15 6.88
CA GLU A 259 -14.04 -37.22 5.83
C GLU A 259 -13.52 -35.81 6.11
N LEU A 260 -13.23 -35.08 5.04
CA LEU A 260 -12.89 -33.67 5.14
C LEU A 260 -13.70 -32.92 4.11
N GLU A 261 -14.45 -31.92 4.55
CA GLU A 261 -15.26 -31.14 3.62
C GLU A 261 -15.11 -29.63 3.85
N VAL A 262 -15.29 -28.88 2.78
CA VAL A 262 -15.24 -27.43 2.85
C VAL A 262 -16.61 -26.88 2.49
N GLU A 263 -17.08 -25.92 3.25
CA GLU A 263 -18.45 -25.44 3.12
C GLU A 263 -18.52 -23.91 3.23
N PHE A 264 -19.48 -23.31 2.53
CA PHE A 264 -19.67 -21.87 2.61
C PHE A 264 -20.38 -21.49 3.91
N GLY A 265 -19.83 -20.53 4.64
CA GLY A 265 -20.42 -20.09 5.89
C GLY A 265 -21.73 -19.34 5.70
N ASN A 266 -21.66 -18.18 5.05
CA ASN A 266 -22.86 -17.37 4.84
C ASN A 266 -23.48 -17.63 3.47
N ILE A 267 -24.41 -18.57 3.40
CA ILE A 267 -25.02 -18.97 2.15
C ILE A 267 -25.83 -17.84 1.52
N ALA A 268 -26.27 -16.89 2.35
CA ALA A 268 -27.06 -15.77 1.86
C ALA A 268 -26.17 -14.79 1.11
N ASP A 269 -24.96 -14.58 1.63
CA ASP A 269 -23.99 -13.72 0.98
C ASP A 269 -23.54 -14.29 -0.36
N LEU A 270 -23.38 -15.61 -0.40
CA LEU A 270 -23.00 -16.30 -1.63
C LEU A 270 -24.08 -16.12 -2.69
N ARG A 271 -25.33 -16.07 -2.25
CA ARG A 271 -26.47 -15.85 -3.13
C ARG A 271 -26.44 -14.45 -3.72
N ASP A 272 -26.16 -13.47 -2.85
CA ASP A 272 -26.14 -12.07 -3.25
C ASP A 272 -25.04 -11.81 -4.28
N ARG A 273 -23.86 -12.38 -4.04
CA ARG A 273 -22.74 -12.24 -4.96
C ARG A 273 -23.08 -12.89 -6.30
N ALA A 274 -23.73 -14.05 -6.25
CA ALA A 274 -24.13 -14.77 -7.45
C ALA A 274 -25.20 -13.98 -8.22
N GLN A 275 -26.02 -13.25 -7.49
CA GLN A 275 -27.04 -12.40 -8.12
C GLN A 275 -26.39 -11.26 -8.89
N LYS A 276 -25.34 -10.69 -8.30
CA LYS A 276 -24.58 -9.63 -8.96
C LYS A 276 -23.93 -10.15 -10.24
N ALA A 277 -23.36 -11.34 -10.14
CA ALA A 277 -22.68 -11.95 -11.28
C ALA A 277 -23.63 -12.21 -12.44
N LYS A 278 -24.86 -12.61 -12.11
CA LYS A 278 -25.88 -12.83 -13.13
C LYS A 278 -26.26 -11.50 -13.78
N ASP A 279 -26.16 -10.42 -13.02
CA ASP A 279 -26.51 -9.09 -13.52
C ASP A 279 -25.30 -8.33 -14.07
N GLY A 280 -24.20 -9.04 -14.33
CA GLY A 280 -23.04 -8.43 -14.95
C GLY A 280 -21.79 -8.41 -14.10
N MET A 281 -21.92 -7.92 -12.86
CA MET A 281 -20.77 -7.77 -11.97
C MET A 281 -20.37 -9.09 -11.33
N GLU A 282 -19.42 -9.79 -11.95
CA GLU A 282 -19.06 -11.14 -11.54
C GLU A 282 -17.89 -11.17 -10.56
N ALA A 283 -17.21 -10.05 -10.39
CA ALA A 283 -16.01 -9.98 -9.56
C ALA A 283 -16.17 -10.46 -8.10
N PRO A 284 -17.21 -10.00 -7.37
CA PRO A 284 -17.29 -10.44 -5.98
C PRO A 284 -17.60 -11.93 -5.83
N LEU A 285 -18.31 -12.53 -6.77
CA LEU A 285 -18.56 -13.97 -6.74
C LEU A 285 -17.26 -14.73 -7.00
N PHE A 286 -16.51 -14.28 -8.00
CA PHE A 286 -15.25 -14.92 -8.37
C PHE A 286 -14.26 -14.99 -7.21
N ARG A 287 -14.07 -13.85 -6.53
CA ARG A 287 -13.14 -13.79 -5.41
C ARG A 287 -13.51 -14.79 -4.32
N ARG A 288 -14.81 -14.98 -4.11
CA ARG A 288 -15.31 -15.88 -3.08
C ARG A 288 -15.08 -17.34 -3.46
N VAL A 289 -15.38 -17.67 -4.72
CA VAL A 289 -15.19 -19.02 -5.23
C VAL A 289 -13.69 -19.33 -5.33
N GLN A 290 -12.91 -18.33 -5.73
CA GLN A 290 -11.47 -18.46 -5.77
C GLN A 290 -10.93 -18.80 -4.39
N LEU A 291 -11.35 -18.04 -3.38
CA LEU A 291 -10.94 -18.26 -2.01
C LEU A 291 -11.36 -19.64 -1.54
N PHE A 292 -12.56 -20.05 -1.93
CA PHE A 292 -13.10 -21.36 -1.57
C PHE A 292 -12.22 -22.47 -2.17
N MET A 293 -12.02 -22.42 -3.48
CA MET A 293 -11.24 -23.44 -4.17
C MET A 293 -9.77 -23.46 -3.74
N ASP A 294 -9.22 -22.27 -3.46
CA ASP A 294 -7.85 -22.18 -2.98
C ASP A 294 -7.66 -22.92 -1.67
N ASN A 295 -8.60 -22.75 -0.75
CA ASN A 295 -8.58 -23.49 0.50
C ASN A 295 -8.71 -24.99 0.25
N VAL A 296 -9.58 -25.34 -0.70
CA VAL A 296 -9.75 -26.73 -1.11
C VAL A 296 -8.44 -27.28 -1.70
N ARG A 297 -7.74 -26.43 -2.46
CA ARG A 297 -6.47 -26.81 -3.06
C ARG A 297 -5.43 -27.15 -2.00
N ILE A 298 -5.26 -26.25 -1.03
CA ILE A 298 -4.28 -26.42 0.03
C ILE A 298 -4.45 -27.75 0.78
N LEU A 299 -5.67 -28.05 1.18
CA LEU A 299 -5.95 -29.27 1.93
C LEU A 299 -5.72 -30.51 1.08
N ARG A 300 -6.11 -30.44 -0.18
CA ARG A 300 -5.98 -31.55 -1.11
C ARG A 300 -4.51 -31.91 -1.34
N ARG A 301 -3.65 -30.91 -1.31
CA ARG A 301 -2.23 -31.11 -1.56
C ARG A 301 -1.48 -31.54 -0.30
N GLU A 302 -2.22 -31.70 0.80
CA GLU A 302 -1.62 -32.04 2.07
C GLU A 302 -1.70 -33.55 2.34
N HIS A 303 -0.60 -34.25 2.06
CA HIS A 303 -0.55 -35.69 2.25
C HIS A 303 0.87 -36.13 2.59
N SER A 304 0.99 -37.14 3.44
CA SER A 304 2.30 -37.63 3.85
C SER A 304 3.00 -38.36 2.70
N ALA B 41 -3.24 -3.78 12.99
CA ALA B 41 -2.51 -4.19 11.79
C ALA B 41 -3.07 -5.48 11.21
N VAL B 42 -4.39 -5.55 11.09
CA VAL B 42 -5.05 -6.71 10.48
C VAL B 42 -5.63 -6.35 9.11
N PRO B 43 -5.60 -7.31 8.18
CA PRO B 43 -6.07 -7.05 6.81
C PRO B 43 -7.59 -7.22 6.70
N LYS B 44 -8.15 -6.81 5.57
CA LYS B 44 -9.57 -6.99 5.31
C LYS B 44 -9.82 -8.40 4.80
N ILE B 45 -9.04 -8.81 3.80
CA ILE B 45 -9.19 -10.13 3.20
C ILE B 45 -7.86 -10.85 3.11
N GLU B 46 -7.87 -12.16 3.36
CA GLU B 46 -6.73 -13.02 3.09
C GLU B 46 -7.07 -13.92 1.91
N MET B 47 -6.06 -14.29 1.12
CA MET B 47 -6.30 -15.07 -0.09
C MET B 47 -6.55 -16.55 0.19
N ASN B 48 -6.19 -16.99 1.39
CA ASN B 48 -6.46 -18.34 1.86
C ASN B 48 -6.21 -18.41 3.36
N PHE B 49 -6.47 -19.56 3.98
CA PHE B 49 -6.29 -19.67 5.42
C PHE B 49 -4.83 -19.76 5.84
N LEU B 50 -3.93 -19.75 4.87
CA LEU B 50 -2.50 -19.77 5.15
C LEU B 50 -1.91 -18.38 4.98
N ASN B 51 -2.69 -17.50 4.35
CA ASN B 51 -2.22 -16.15 3.99
C ASN B 51 -0.98 -16.25 3.12
N LYS B 52 -1.01 -17.19 2.18
CA LYS B 52 0.14 -17.49 1.33
C LYS B 52 -0.26 -17.55 -0.13
N PRO B 53 0.65 -17.13 -1.02
CA PRO B 53 0.43 -17.31 -2.46
C PRO B 53 0.33 -18.79 -2.80
N ILE B 54 -0.79 -19.21 -3.37
CA ILE B 54 -0.96 -20.59 -3.81
C ILE B 54 -0.89 -20.66 -5.34
N VAL B 55 -0.12 -21.62 -5.84
CA VAL B 55 0.08 -21.76 -7.28
C VAL B 55 -0.69 -22.96 -7.84
N PRO B 56 -1.56 -22.72 -8.84
CA PRO B 56 -2.35 -23.77 -9.47
C PRO B 56 -1.49 -24.81 -10.20
N ASP B 57 -2.05 -25.99 -10.41
CA ASP B 57 -1.33 -27.08 -11.07
C ASP B 57 -0.81 -26.70 -12.45
N THR B 58 -1.62 -25.95 -13.19
CA THR B 58 -1.29 -25.53 -14.54
C THR B 58 0.05 -24.78 -14.60
N THR B 59 0.24 -23.85 -13.67
CA THR B 59 1.44 -23.05 -13.62
C THR B 59 2.67 -23.87 -13.22
N LYS B 60 2.49 -24.77 -12.25
CA LYS B 60 3.59 -25.60 -11.78
C LYS B 60 4.09 -26.55 -12.86
N VAL B 61 3.14 -27.14 -13.58
CA VAL B 61 3.47 -28.08 -14.66
C VAL B 61 4.24 -27.39 -15.78
N ILE B 62 3.74 -26.24 -16.22
CA ILE B 62 4.42 -25.47 -17.26
C ILE B 62 5.78 -25.00 -16.77
N SER B 63 5.87 -24.66 -15.49
CA SER B 63 7.13 -24.21 -14.91
C SER B 63 8.19 -25.30 -14.92
N ASN B 64 7.79 -26.51 -14.52
CA ASN B 64 8.70 -27.65 -14.55
C ASN B 64 9.08 -28.00 -15.98
N PHE B 65 8.12 -27.85 -16.89
CA PHE B 65 8.35 -28.09 -18.31
C PHE B 65 9.45 -27.18 -18.85
N LEU B 66 9.34 -25.90 -18.58
CA LEU B 66 10.34 -24.93 -19.04
C LEU B 66 11.68 -25.15 -18.34
N THR B 67 11.64 -25.46 -17.05
CA THR B 67 12.85 -25.65 -16.25
C THR B 67 13.69 -26.81 -16.76
N HIS B 68 13.02 -27.85 -17.27
CA HIS B 68 13.71 -29.01 -17.79
C HIS B 68 14.55 -28.64 -19.01
N TYR B 69 14.03 -27.74 -19.84
CA TYR B 69 14.72 -27.36 -21.07
C TYR B 69 15.43 -26.01 -20.94
N LEU B 70 15.38 -25.44 -19.74
CA LEU B 70 16.17 -24.25 -19.44
C LEU B 70 17.39 -24.58 -18.59
N ILE B 71 17.23 -25.50 -17.65
CA ILE B 71 18.31 -25.83 -16.72
C ILE B 71 18.74 -27.30 -16.77
N THR B 72 17.78 -28.21 -16.66
CA THR B 72 18.06 -29.65 -16.58
C THR B 72 18.79 -30.16 -17.82
N GLU B 73 18.10 -30.10 -18.95
CA GLU B 73 18.69 -30.45 -20.24
C GLU B 73 18.63 -29.20 -21.11
N PRO B 74 19.58 -28.29 -20.90
CA PRO B 74 19.57 -26.92 -21.44
C PRO B 74 19.53 -26.87 -22.96
N VAL B 75 18.72 -25.96 -23.49
CA VAL B 75 18.74 -25.64 -24.91
C VAL B 75 19.54 -24.36 -25.09
N GLU B 76 20.60 -24.43 -25.90
CA GLU B 76 21.56 -23.35 -26.00
C GLU B 76 20.95 -22.07 -26.57
N HIS B 77 20.14 -22.21 -27.61
CA HIS B 77 19.44 -21.07 -28.20
C HIS B 77 17.93 -21.31 -28.17
N VAL B 78 17.39 -21.32 -26.96
CA VAL B 78 16.00 -21.71 -26.73
C VAL B 78 15.01 -20.65 -27.21
N GLU B 79 13.87 -21.10 -27.72
CA GLU B 79 12.76 -20.20 -28.04
C GLU B 79 11.48 -20.75 -27.43
N ILE B 80 10.93 -20.02 -26.46
CA ILE B 80 9.66 -20.41 -25.84
C ILE B 80 8.51 -19.57 -26.40
N GLU B 81 7.56 -20.23 -27.04
CA GLU B 81 6.40 -19.53 -27.59
C GLU B 81 5.10 -20.35 -27.54
N ALA B 82 4.04 -19.71 -27.07
CA ALA B 82 2.71 -20.32 -27.05
C ALA B 82 1.88 -19.77 -28.20
N LYS B 83 1.38 -20.64 -29.06
CA LYS B 83 0.62 -20.21 -30.22
C LYS B 83 -0.86 -20.53 -30.08
N LEU B 84 -1.71 -19.63 -30.58
CA LEU B 84 -3.13 -19.90 -30.65
C LEU B 84 -3.42 -20.73 -31.89
N GLY B 85 -4.39 -21.64 -31.78
CA GLY B 85 -4.75 -22.49 -32.89
C GLY B 85 -5.81 -23.49 -32.48
N THR B 86 -5.97 -24.54 -33.27
CA THR B 86 -6.94 -25.59 -32.98
C THR B 86 -6.25 -26.92 -32.83
N LEU B 87 -6.63 -27.68 -31.80
CA LEU B 87 -6.10 -29.01 -31.61
C LEU B 87 -6.95 -29.98 -32.41
N ILE B 88 -6.31 -30.84 -33.20
CA ILE B 88 -7.04 -31.73 -34.09
C ILE B 88 -6.88 -33.20 -33.71
N ASP B 89 -8.01 -33.88 -33.52
CA ASP B 89 -8.02 -35.32 -33.28
C ASP B 89 -7.74 -36.03 -34.60
N LEU B 90 -6.68 -36.81 -34.65
CA LEU B 90 -6.27 -37.47 -35.89
C LEU B 90 -7.28 -38.51 -36.39
N GLU B 91 -8.17 -38.95 -35.52
CA GLU B 91 -9.17 -39.94 -35.90
C GLU B 91 -10.41 -39.32 -36.54
N THR B 92 -10.79 -38.15 -36.04
CA THR B 92 -11.99 -37.47 -36.54
C THR B 92 -11.64 -36.33 -37.48
N GLN B 93 -10.37 -35.92 -37.45
CA GLN B 93 -9.87 -34.81 -38.26
C GLN B 93 -10.63 -33.51 -38.00
N ASN B 94 -11.23 -33.41 -36.82
CA ASN B 94 -11.89 -32.20 -36.38
C ASN B 94 -11.24 -31.74 -35.09
N ARG B 95 -11.78 -30.68 -34.48
CA ARG B 95 -11.23 -30.20 -33.22
C ARG B 95 -11.35 -31.26 -32.15
N PHE B 96 -10.27 -31.45 -31.40
CA PHE B 96 -10.20 -32.44 -30.33
C PHE B 96 -11.37 -32.27 -29.37
N GLU B 97 -11.98 -33.39 -28.99
CA GLU B 97 -13.09 -33.37 -28.05
C GLU B 97 -12.75 -34.17 -26.80
N PHE B 98 -12.86 -33.51 -25.66
CA PHE B 98 -12.57 -34.15 -24.38
C PHE B 98 -13.62 -33.71 -23.38
N PRO B 99 -14.12 -34.66 -22.58
CA PRO B 99 -15.19 -34.41 -21.61
C PRO B 99 -14.71 -33.61 -20.40
N VAL B 100 -14.07 -32.47 -20.66
CA VAL B 100 -13.59 -31.60 -19.60
C VAL B 100 -14.26 -30.23 -19.72
N MET B 101 -14.13 -29.41 -18.69
CA MET B 101 -14.83 -28.14 -18.65
C MET B 101 -13.88 -26.95 -18.61
N ASN B 102 -12.59 -27.23 -18.46
CA ASN B 102 -11.61 -26.16 -18.30
C ASN B 102 -10.32 -26.42 -19.07
N GLU B 103 -9.48 -25.39 -19.14
CA GLU B 103 -8.16 -25.48 -19.77
C GLU B 103 -7.38 -26.67 -19.23
N THR B 104 -7.03 -27.58 -20.13
CA THR B 104 -6.45 -28.86 -19.73
C THR B 104 -5.15 -29.19 -20.46
N ILE B 105 -4.10 -29.51 -19.69
CA ILE B 105 -2.84 -29.91 -20.27
C ILE B 105 -2.78 -31.40 -20.50
N LEU B 106 -2.79 -31.80 -21.77
CA LEU B 106 -2.74 -33.21 -22.12
C LEU B 106 -1.37 -33.81 -21.83
N ASN B 107 -1.34 -35.11 -21.60
CA ASN B 107 -0.10 -35.85 -21.47
C ASN B 107 0.60 -35.96 -22.82
N PRO B 108 1.94 -35.93 -22.81
CA PRO B 108 2.75 -36.06 -24.03
C PRO B 108 2.43 -37.33 -24.83
N GLU B 109 1.86 -38.34 -24.17
CA GLU B 109 1.46 -39.57 -24.85
C GLU B 109 0.23 -39.36 -25.74
N PHE B 110 -0.31 -38.15 -25.71
CA PHE B 110 -1.47 -37.80 -26.54
C PHE B 110 -1.02 -37.00 -27.76
N ASN B 111 0.23 -36.52 -27.72
CA ASN B 111 0.80 -35.76 -28.83
C ASN B 111 0.88 -36.61 -30.09
N LEU B 112 1.06 -37.91 -29.91
CA LEU B 112 1.18 -38.85 -31.03
C LEU B 112 -0.18 -39.12 -31.65
N ARG B 113 -1.25 -38.71 -30.96
CA ARG B 113 -2.60 -38.99 -31.40
C ARG B 113 -3.36 -37.75 -31.86
N THR B 114 -2.74 -36.59 -31.69
CA THR B 114 -3.37 -35.34 -32.11
C THR B 114 -2.48 -34.53 -33.06
N ARG B 115 -3.08 -33.50 -33.65
CA ARG B 115 -2.37 -32.61 -34.56
C ARG B 115 -2.76 -31.18 -34.18
N PHE B 116 -1.86 -30.23 -34.41
CA PHE B 116 -2.13 -28.85 -34.06
C PHE B 116 -2.04 -27.90 -35.26
N GLU B 117 -3.18 -27.35 -35.67
CA GLU B 117 -3.20 -26.32 -36.69
C GLU B 117 -2.92 -24.95 -36.08
N SER B 118 -1.84 -24.32 -36.52
CA SER B 118 -1.45 -23.02 -36.00
C SER B 118 -2.09 -21.89 -36.81
N ASP B 119 -3.12 -22.22 -37.56
CA ASP B 119 -3.77 -21.25 -38.42
C ASP B 119 -4.99 -20.62 -37.75
N MET B 120 -5.56 -19.61 -38.39
CA MET B 120 -6.63 -18.81 -37.81
C MET B 120 -7.26 -17.98 -38.92
N THR B 121 -8.57 -17.80 -38.87
CA THR B 121 -9.28 -17.07 -39.91
C THR B 121 -8.86 -15.60 -39.92
N ALA B 122 -9.02 -14.95 -41.06
CA ALA B 122 -8.70 -13.54 -41.18
C ALA B 122 -9.59 -12.70 -40.28
N SER B 123 -10.84 -13.15 -40.12
CA SER B 123 -11.79 -12.44 -39.26
C SER B 123 -11.37 -12.52 -37.80
N GLU B 124 -10.99 -13.71 -37.36
CA GLU B 124 -10.51 -13.92 -36.00
C GLU B 124 -9.22 -13.13 -35.76
N HIS B 125 -8.39 -13.05 -36.80
CA HIS B 125 -7.11 -12.37 -36.70
C HIS B 125 -7.30 -10.86 -36.57
N LYS B 126 -8.22 -10.31 -37.34
CA LYS B 126 -8.50 -8.88 -37.30
C LYS B 126 -9.15 -8.48 -35.97
N TYR B 127 -10.00 -9.37 -35.45
CA TYR B 127 -10.67 -9.12 -34.19
C TYR B 127 -9.65 -9.04 -33.06
N LEU B 128 -8.69 -9.95 -33.08
CA LEU B 128 -7.59 -9.93 -32.12
C LEU B 128 -6.71 -8.70 -32.35
N ASN B 129 -6.53 -8.33 -33.61
CA ASN B 129 -5.71 -7.19 -33.97
C ASN B 129 -6.26 -5.89 -33.38
N GLU B 130 -7.56 -5.68 -33.51
CA GLU B 130 -8.19 -4.47 -33.00
C GLU B 130 -8.16 -4.44 -31.48
N PHE B 131 -8.42 -5.59 -30.86
CA PHE B 131 -8.37 -5.72 -29.41
C PHE B 131 -7.01 -5.32 -28.87
N LEU B 132 -5.95 -5.82 -29.49
CA LEU B 132 -4.59 -5.53 -29.05
C LEU B 132 -4.24 -4.05 -29.21
N ASN B 133 -4.69 -3.44 -30.30
CA ASN B 133 -4.45 -2.02 -30.50
C ASN B 133 -5.13 -1.18 -29.42
N GLN B 134 -6.31 -1.60 -29.01
CA GLN B 134 -7.04 -0.92 -27.95
C GLN B 134 -6.29 -1.05 -26.61
N ALA B 135 -5.82 -2.26 -26.33
CA ALA B 135 -5.02 -2.51 -25.13
C ALA B 135 -3.73 -1.70 -25.18
N PHE B 136 -3.16 -1.57 -26.37
CA PHE B 136 -1.97 -0.77 -26.60
C PHE B 136 -2.19 0.69 -26.20
N ARG B 137 -3.33 1.24 -26.60
CA ARG B 137 -3.64 2.63 -26.29
C ARG B 137 -3.89 2.86 -24.80
N ASP B 138 -4.60 1.92 -24.17
CA ASP B 138 -4.92 2.03 -22.75
C ASP B 138 -3.66 1.98 -21.89
N SER B 139 -2.63 1.30 -22.39
CA SER B 139 -1.39 1.15 -21.65
C SER B 139 -0.55 2.41 -21.70
N GLN B 140 -0.97 3.37 -22.51
CA GLN B 140 -0.24 4.63 -22.63
C GLN B 140 -0.74 5.65 -21.62
N LYS B 141 -1.84 5.32 -20.95
CA LYS B 141 -2.39 6.17 -19.90
C LYS B 141 -1.43 6.31 -18.74
N PRO B 142 -1.53 7.41 -17.97
CA PRO B 142 -0.69 7.62 -16.80
C PRO B 142 -0.94 6.55 -15.74
N GLY B 143 0.14 5.97 -15.20
CA GLY B 143 0.02 4.96 -14.17
C GLY B 143 0.10 3.54 -14.74
N ARG B 144 0.09 3.42 -16.05
CA ARG B 144 0.17 2.12 -16.70
C ARG B 144 1.58 1.81 -17.17
N LEU B 145 1.91 0.52 -17.24
CA LEU B 145 3.15 0.09 -17.87
C LEU B 145 2.91 -0.01 -19.38
N PRO B 146 3.56 0.87 -20.15
CA PRO B 146 3.32 1.07 -21.58
C PRO B 146 3.58 -0.16 -22.46
N PHE B 147 2.77 -0.31 -23.49
CA PHE B 147 3.01 -1.31 -24.54
C PHE B 147 4.09 -0.79 -25.47
N ALA B 148 4.87 -1.70 -26.05
CA ALA B 148 5.78 -1.35 -27.12
C ALA B 148 5.25 -1.94 -28.43
N TYR B 149 5.38 -1.17 -29.51
CA TYR B 149 4.85 -1.60 -30.81
C TYR B 149 5.97 -1.68 -31.84
N LYS B 150 5.90 -2.68 -32.71
CA LYS B 150 6.91 -2.86 -33.74
C LYS B 150 6.36 -3.66 -34.91
N HIS B 151 6.14 -2.98 -36.03
CA HIS B 151 5.57 -3.62 -37.21
C HIS B 151 6.64 -3.88 -38.25
N THR B 152 6.84 -5.15 -38.60
CA THR B 152 7.85 -5.51 -39.59
C THR B 152 7.26 -6.25 -40.78
N LYS B 153 7.79 -5.95 -41.97
CA LYS B 153 7.39 -6.63 -43.19
C LYS B 153 8.63 -7.26 -43.79
N GLN B 154 8.74 -8.58 -43.66
CA GLN B 154 9.98 -9.26 -44.02
C GLN B 154 9.78 -10.46 -44.95
N VAL B 155 10.87 -10.92 -45.55
CA VAL B 155 10.84 -12.06 -46.46
C VAL B 155 11.57 -13.24 -45.83
N ASP B 156 10.95 -14.42 -45.89
CA ASP B 156 11.58 -15.64 -45.39
C ASP B 156 12.06 -16.52 -46.54
N LEU B 157 13.35 -16.83 -46.55
CA LEU B 157 13.91 -17.69 -47.57
C LEU B 157 14.46 -18.96 -46.92
N PHE B 158 14.11 -20.11 -47.50
CA PHE B 158 14.54 -21.39 -46.94
C PHE B 158 15.52 -22.10 -47.87
N TYR B 159 16.68 -22.45 -47.34
CA TYR B 159 17.73 -23.06 -48.14
C TYR B 159 17.98 -24.50 -47.71
N GLU B 160 18.31 -25.35 -48.67
CA GLU B 160 18.63 -26.74 -48.38
C GLU B 160 20.01 -26.86 -47.73
N THR B 161 20.23 -27.98 -47.05
CA THR B 161 21.48 -28.20 -46.32
C THR B 161 22.46 -29.08 -47.08
N GLU B 162 23.56 -29.43 -46.41
CA GLU B 162 24.61 -30.25 -47.01
C GLU B 162 24.61 -31.67 -46.44
N ASP B 167 15.56 -30.85 -43.02
CA ASP B 167 15.81 -29.60 -42.33
C ASP B 167 16.36 -28.53 -43.29
N LYS B 168 16.09 -27.26 -42.98
CA LYS B 168 16.49 -26.16 -43.84
C LYS B 168 16.99 -24.95 -43.06
N ILE B 169 17.74 -24.09 -43.74
CA ILE B 169 18.22 -22.84 -43.16
C ILE B 169 17.30 -21.70 -43.53
N ARG B 170 16.81 -20.97 -42.52
CA ARG B 170 15.89 -19.87 -42.75
C ARG B 170 16.64 -18.54 -42.73
N VAL B 171 16.40 -17.72 -43.74
CA VAL B 171 17.00 -16.40 -43.82
C VAL B 171 15.90 -15.34 -43.86
N SER B 172 16.01 -14.35 -42.99
CA SER B 172 15.01 -13.29 -42.91
C SER B 172 15.60 -11.94 -43.32
N LYS B 173 14.96 -11.29 -44.29
CA LYS B 173 15.38 -9.98 -44.77
C LYS B 173 14.17 -9.06 -44.83
N ASN B 174 14.42 -7.75 -44.74
CA ASN B 174 13.35 -6.77 -44.94
C ASN B 174 12.88 -6.78 -46.39
N GLN B 175 11.60 -6.48 -46.59
CA GLN B 175 11.06 -6.40 -47.94
C GLN B 175 11.51 -5.11 -48.63
N SER B 176 11.89 -4.12 -47.84
CA SER B 176 12.20 -2.80 -48.38
C SER B 176 13.64 -2.65 -48.87
N ASP B 177 14.61 -3.05 -48.04
CA ASP B 177 16.02 -2.88 -48.39
C ASP B 177 16.81 -4.18 -48.41
N ASN B 178 16.12 -5.31 -48.24
CA ASN B 178 16.73 -6.63 -48.38
C ASN B 178 17.93 -6.92 -47.48
N GLN B 179 18.08 -6.14 -46.40
CA GLN B 179 19.16 -6.41 -45.46
C GLN B 179 18.81 -7.62 -44.59
N VAL B 180 19.78 -8.50 -44.38
CA VAL B 180 19.55 -9.72 -43.63
C VAL B 180 19.32 -9.45 -42.14
N LEU B 181 18.13 -9.84 -41.67
CA LEU B 181 17.76 -9.65 -40.28
C LEU B 181 18.22 -10.81 -39.41
N ALA B 182 18.09 -12.02 -39.94
CA ALA B 182 18.48 -13.22 -39.20
C ALA B 182 18.74 -14.39 -40.14
N CYS B 183 19.51 -15.35 -39.66
CA CYS B 183 19.84 -16.55 -40.43
C CYS B 183 20.03 -17.71 -39.46
N VAL B 184 18.98 -18.50 -39.26
CA VAL B 184 19.01 -19.55 -38.25
C VAL B 184 18.56 -20.90 -38.78
N LYS B 185 18.80 -21.93 -37.98
CA LYS B 185 18.25 -23.25 -38.26
C LYS B 185 17.43 -23.69 -37.06
N LYS B 186 16.11 -23.74 -37.24
CA LYS B 186 15.20 -24.00 -36.14
C LYS B 186 14.93 -25.48 -35.92
N ARG B 187 15.03 -25.91 -34.67
CA ARG B 187 14.82 -27.31 -34.29
C ARG B 187 13.74 -27.43 -33.22
N ARG B 188 12.73 -28.25 -33.48
CA ARG B 188 11.66 -28.48 -32.53
C ARG B 188 12.15 -29.39 -31.41
N VAL B 189 12.03 -28.93 -30.16
CA VAL B 189 12.53 -29.68 -29.02
C VAL B 189 11.43 -30.45 -28.31
N ALA B 190 10.42 -29.71 -27.83
CA ALA B 190 9.31 -30.33 -27.10
C ALA B 190 8.05 -29.47 -27.17
N ASP B 191 6.90 -30.11 -26.99
CA ASP B 191 5.61 -29.42 -27.07
C ASP B 191 4.70 -29.76 -25.91
N LEU B 192 3.91 -28.77 -25.49
CA LEU B 192 2.85 -28.98 -24.51
C LEU B 192 1.54 -28.50 -25.10
N PHE B 193 0.56 -29.40 -25.18
CA PHE B 193 -0.73 -29.07 -25.76
C PHE B 193 -1.81 -28.82 -24.71
N LEU B 194 -2.48 -27.69 -24.85
CA LEU B 194 -3.56 -27.32 -23.93
C LEU B 194 -4.90 -27.30 -24.65
N TYR B 195 -5.81 -28.18 -24.24
CA TYR B 195 -7.15 -28.21 -24.78
C TYR B 195 -8.04 -27.23 -24.02
N CYS B 196 -8.66 -26.31 -24.76
CA CYS B 196 -9.45 -25.25 -24.15
C CYS B 196 -10.88 -25.26 -24.67
N PRO B 197 -11.74 -26.07 -24.02
CA PRO B 197 -13.12 -26.30 -24.46
C PRO B 197 -14.01 -25.07 -24.34
N ASN B 198 -13.64 -24.12 -23.48
CA ASN B 198 -14.46 -22.93 -23.29
C ASN B 198 -14.16 -21.82 -24.29
N ASP B 199 -13.13 -22.00 -25.09
CA ASP B 199 -12.72 -20.97 -26.03
C ASP B 199 -12.71 -21.47 -27.46
N ALA B 200 -12.47 -20.56 -28.40
CA ALA B 200 -12.43 -20.91 -29.81
C ALA B 200 -11.04 -21.34 -30.23
N PHE B 201 -10.08 -21.24 -29.32
CA PHE B 201 -8.69 -21.58 -29.62
C PHE B 201 -8.08 -22.51 -28.58
N ASP B 202 -7.35 -23.51 -29.05
CA ASP B 202 -6.49 -24.28 -28.18
C ASP B 202 -5.10 -23.68 -28.26
N ILE B 203 -4.15 -24.22 -27.49
CA ILE B 203 -2.83 -23.62 -27.41
C ILE B 203 -1.73 -24.67 -27.44
N ARG B 204 -0.70 -24.43 -28.25
CA ARG B 204 0.49 -25.26 -28.24
C ARG B 204 1.64 -24.48 -27.62
N ILE B 205 2.22 -25.01 -26.56
CA ILE B 205 3.41 -24.41 -25.97
C ILE B 205 4.64 -25.15 -26.48
N SER B 206 5.40 -24.49 -27.33
CA SER B 206 6.53 -25.14 -27.98
C SER B 206 7.88 -24.64 -27.46
N ILE B 207 8.82 -25.57 -27.34
CA ILE B 207 10.20 -25.22 -27.02
C ILE B 207 11.06 -25.53 -28.23
N SER B 208 11.79 -24.53 -28.73
CA SER B 208 12.57 -24.69 -29.94
C SER B 208 14.02 -24.25 -29.76
N ASP B 209 14.85 -24.54 -30.76
CA ASP B 209 16.24 -24.14 -30.74
C ASP B 209 16.57 -23.39 -32.02
N GLU B 210 16.75 -22.07 -31.92
CA GLU B 210 17.10 -21.26 -33.08
C GLU B 210 18.62 -21.16 -33.24
N LEU B 211 19.20 -22.21 -33.81
CA LEU B 211 20.65 -22.26 -34.01
C LEU B 211 21.10 -21.29 -35.10
N PRO B 212 21.86 -20.25 -34.71
CA PRO B 212 22.34 -19.25 -35.66
C PRO B 212 23.46 -19.82 -36.52
N VAL B 213 23.21 -19.92 -37.83
CA VAL B 213 24.23 -20.43 -38.75
C VAL B 213 24.62 -19.33 -39.73
N SER B 214 25.74 -19.53 -40.41
CA SER B 214 26.24 -18.54 -41.36
C SER B 214 25.36 -18.48 -42.60
N MET B 215 25.43 -17.36 -43.32
CA MET B 215 24.70 -17.18 -44.57
C MET B 215 25.11 -18.24 -45.59
N PRO B 216 24.12 -18.84 -46.27
CA PRO B 216 24.37 -19.82 -47.32
C PRO B 216 25.13 -19.20 -48.49
N SER B 217 25.66 -20.04 -49.38
CA SER B 217 26.43 -19.57 -50.53
C SER B 217 25.66 -18.57 -51.38
N GLY B 218 26.38 -17.67 -52.02
CA GLY B 218 25.77 -16.61 -52.81
C GLY B 218 25.24 -17.08 -54.15
N ASN B 219 25.35 -18.38 -54.42
CA ASN B 219 24.88 -18.94 -55.68
C ASN B 219 23.80 -20.01 -55.48
N GLN B 220 23.55 -20.37 -54.23
CA GLN B 220 22.49 -21.32 -53.91
C GLN B 220 21.14 -20.63 -53.92
N GLN B 221 20.15 -21.27 -54.53
CA GLN B 221 18.80 -20.70 -54.59
C GLN B 221 17.91 -21.25 -53.48
N PRO B 222 17.10 -20.36 -52.88
CA PRO B 222 16.19 -20.74 -51.80
C PRO B 222 15.13 -21.72 -52.28
N SER B 223 14.90 -22.78 -51.49
CA SER B 223 13.90 -23.79 -51.82
C SER B 223 12.51 -23.19 -51.77
N LEU B 224 12.27 -22.32 -50.80
CA LEU B 224 10.96 -21.72 -50.62
C LEU B 224 11.09 -20.25 -50.21
N THR B 225 10.12 -19.44 -50.63
CA THR B 225 10.09 -18.03 -50.26
C THR B 225 8.68 -17.62 -49.86
N ARG B 226 8.56 -17.04 -48.66
CA ARG B 226 7.28 -16.59 -48.16
C ARG B 226 7.40 -15.21 -47.53
N LEU B 227 6.38 -14.38 -47.76
CA LEU B 227 6.34 -13.05 -47.17
C LEU B 227 5.65 -13.10 -45.81
N LYS B 228 6.13 -12.29 -44.88
CA LYS B 228 5.57 -12.28 -43.53
C LYS B 228 5.34 -10.87 -43.02
N ASP B 229 4.11 -10.62 -42.58
CA ASP B 229 3.76 -9.36 -41.94
C ASP B 229 3.65 -9.59 -40.43
N ARG B 230 4.54 -8.95 -39.68
CA ARG B 230 4.63 -9.21 -38.25
C ARG B 230 4.33 -7.98 -37.41
N VAL B 231 3.20 -8.00 -36.70
CA VAL B 231 2.86 -6.92 -35.79
C VAL B 231 3.16 -7.34 -34.36
N GLY B 232 4.22 -6.77 -33.79
CA GLY B 232 4.67 -7.17 -32.47
C GLY B 232 4.31 -6.20 -31.35
N TYR B 233 3.64 -6.72 -30.33
CA TYR B 233 3.35 -5.93 -29.14
C TYR B 233 4.22 -6.44 -27.99
N VAL B 234 4.86 -5.52 -27.27
CA VAL B 234 5.71 -5.91 -26.16
C VAL B 234 5.25 -5.26 -24.86
N HIS B 235 4.98 -6.08 -23.85
CA HIS B 235 4.54 -5.59 -22.55
C HIS B 235 5.17 -6.40 -21.44
N GLN B 236 5.91 -5.72 -20.56
CA GLN B 236 6.64 -6.38 -19.48
C GLN B 236 7.56 -7.46 -20.03
N GLU B 237 8.29 -7.13 -21.09
CA GLU B 237 9.22 -8.05 -21.74
C GLU B 237 8.56 -9.36 -22.20
N ILE B 238 7.25 -9.32 -22.36
CA ILE B 238 6.51 -10.42 -22.95
C ILE B 238 6.02 -10.01 -24.33
N LYS B 239 6.34 -10.83 -25.32
CA LYS B 239 6.10 -10.48 -26.70
C LYS B 239 4.81 -11.09 -27.22
N ILE B 240 4.04 -10.29 -27.95
CA ILE B 240 2.81 -10.76 -28.58
C ILE B 240 2.83 -10.46 -30.07
N ASP B 241 3.06 -11.49 -30.88
CA ASP B 241 3.23 -11.29 -32.32
C ASP B 241 2.02 -11.74 -33.15
N LEU B 242 1.45 -10.79 -33.89
CA LEU B 242 0.46 -11.10 -34.91
C LEU B 242 1.16 -11.29 -36.25
N THR B 243 1.18 -12.53 -36.73
CA THR B 243 1.92 -12.89 -37.92
C THR B 243 1.01 -13.25 -39.09
N LYS B 244 1.26 -12.64 -40.24
CA LYS B 244 0.47 -12.89 -41.44
C LYS B 244 1.41 -13.35 -42.55
N THR B 245 1.23 -14.59 -43.00
CA THR B 245 2.16 -15.22 -43.94
C THR B 245 1.48 -15.63 -45.24
N THR B 246 1.96 -15.08 -46.35
CA THR B 246 1.45 -15.46 -47.66
C THR B 246 2.29 -16.58 -48.26
N GLN B 247 1.64 -17.65 -48.68
CA GLN B 247 2.33 -18.81 -49.23
C GLN B 247 2.00 -19.04 -50.69
N ASN B 248 3.03 -19.01 -51.54
CA ASN B 248 2.85 -19.28 -52.97
C ASN B 248 3.15 -20.73 -53.32
N ASP B 249 2.50 -21.21 -54.36
CA ASP B 249 2.67 -22.59 -54.80
C ASP B 249 2.58 -22.66 -56.32
N PRO B 250 3.43 -23.50 -56.94
CA PRO B 250 3.43 -23.68 -58.40
C PRO B 250 2.14 -24.27 -58.93
N VAL B 251 1.31 -24.82 -58.06
CA VAL B 251 0.06 -25.44 -58.49
C VAL B 251 -1.16 -24.77 -57.84
N TYR B 252 -1.19 -24.74 -56.51
CA TYR B 252 -2.34 -24.23 -55.78
C TYR B 252 -2.42 -22.71 -55.80
N ASP B 253 -3.60 -22.18 -55.45
CA ASP B 253 -3.77 -20.74 -55.33
C ASP B 253 -3.02 -20.25 -54.09
N THR B 254 -2.59 -19.00 -54.11
CA THR B 254 -1.85 -18.42 -52.99
C THR B 254 -2.75 -18.33 -51.76
N THR B 255 -2.24 -18.84 -50.64
CA THR B 255 -2.96 -18.78 -49.38
C THR B 255 -2.24 -17.86 -48.40
N GLU B 256 -3.00 -17.26 -47.50
CA GLU B 256 -2.45 -16.37 -46.49
C GLU B 256 -2.88 -16.83 -45.11
N ARG B 257 -1.93 -17.35 -44.33
CA ARG B 257 -2.25 -17.86 -43.00
C ARG B 257 -2.06 -16.79 -41.93
N HIS B 258 -2.87 -16.87 -40.87
CA HIS B 258 -2.83 -15.89 -39.80
C HIS B 258 -2.45 -16.56 -38.48
N GLU B 259 -1.50 -15.98 -37.78
CA GLU B 259 -1.04 -16.56 -36.52
C GLU B 259 -0.94 -15.53 -35.40
N LEU B 260 -0.98 -16.02 -34.18
CA LEU B 260 -0.73 -15.20 -33.01
C LEU B 260 0.06 -16.05 -32.02
N GLU B 261 1.05 -15.45 -31.39
CA GLU B 261 1.88 -16.17 -30.44
C GLU B 261 2.36 -15.26 -29.33
N VAL B 262 2.52 -15.84 -28.14
CA VAL B 262 3.08 -15.12 -27.01
C VAL B 262 4.47 -15.67 -26.77
N GLU B 263 5.42 -14.79 -26.50
CA GLU B 263 6.82 -15.21 -26.41
C GLU B 263 7.53 -14.50 -25.25
N PHE B 264 8.43 -15.22 -24.59
CA PHE B 264 9.26 -14.61 -23.55
C PHE B 264 10.34 -13.75 -24.19
N GLY B 265 10.38 -12.47 -23.81
CA GLY B 265 11.32 -11.54 -24.41
C GLY B 265 12.62 -11.40 -23.65
N ASN B 266 12.73 -12.08 -22.53
CA ASN B 266 13.92 -12.01 -21.70
C ASN B 266 14.37 -13.40 -21.25
N ILE B 267 14.91 -14.17 -22.18
CA ILE B 267 15.31 -15.55 -21.93
C ILE B 267 16.37 -15.66 -20.83
N ALA B 268 17.32 -14.73 -20.83
CA ALA B 268 18.38 -14.72 -19.83
C ALA B 268 17.81 -14.62 -18.42
N ASP B 269 16.80 -13.79 -18.25
CA ASP B 269 16.15 -13.63 -16.96
C ASP B 269 15.27 -14.82 -16.61
N LEU B 270 14.58 -15.36 -17.60
CA LEU B 270 13.73 -16.52 -17.39
C LEU B 270 14.58 -17.72 -16.99
N ARG B 271 15.79 -17.78 -17.56
CA ARG B 271 16.75 -18.82 -17.23
C ARG B 271 17.18 -18.70 -15.77
N ASP B 272 17.44 -17.47 -15.35
CA ASP B 272 17.88 -17.20 -13.98
C ASP B 272 16.81 -17.58 -12.98
N ARG B 273 15.56 -17.21 -13.26
CA ARG B 273 14.44 -17.57 -12.41
C ARG B 273 14.27 -19.08 -12.33
N ALA B 274 14.35 -19.74 -13.48
CA ALA B 274 14.21 -21.20 -13.53
C ALA B 274 15.36 -21.89 -12.82
N GLN B 275 16.51 -21.22 -12.77
CA GLN B 275 17.66 -21.75 -12.03
C GLN B 275 17.34 -21.82 -10.55
N LYS B 276 16.78 -20.75 -10.02
CA LYS B 276 16.41 -20.68 -8.61
C LYS B 276 15.35 -21.72 -8.26
N ALA B 277 14.45 -21.96 -9.21
CA ALA B 277 13.39 -22.95 -9.03
C ALA B 277 14.00 -24.34 -8.87
N LYS B 278 15.02 -24.63 -9.66
CA LYS B 278 15.75 -25.88 -9.56
C LYS B 278 16.48 -25.94 -8.23
N ASP B 279 17.01 -24.80 -7.80
CA ASP B 279 17.72 -24.71 -6.53
C ASP B 279 16.78 -24.96 -5.36
N GLY B 280 15.74 -24.14 -5.25
CA GLY B 280 14.79 -24.28 -4.16
C GLY B 280 13.69 -23.23 -4.16
N MET B 281 14.07 -21.97 -4.37
CA MET B 281 13.12 -20.86 -4.42
C MET B 281 12.51 -20.73 -5.82
N GLU B 282 11.22 -21.06 -5.94
CA GLU B 282 10.56 -21.11 -7.24
C GLU B 282 9.43 -20.09 -7.40
N ALA B 283 9.44 -19.07 -6.56
CA ALA B 283 8.43 -18.01 -6.63
C ALA B 283 8.56 -17.09 -7.86
N PRO B 284 9.78 -16.60 -8.17
CA PRO B 284 9.85 -15.70 -9.33
C PRO B 284 9.59 -16.39 -10.66
N LEU B 285 9.85 -17.69 -10.76
CA LEU B 285 9.55 -18.42 -11.98
C LEU B 285 8.04 -18.60 -12.12
N PHE B 286 7.39 -18.93 -11.01
CA PHE B 286 5.94 -19.10 -10.99
C PHE B 286 5.22 -17.82 -11.42
N ARG B 287 5.67 -16.68 -10.91
CA ARG B 287 5.05 -15.42 -11.24
C ARG B 287 5.20 -15.09 -12.72
N ARG B 288 6.39 -15.36 -13.24
CA ARG B 288 6.69 -15.05 -14.64
C ARG B 288 5.85 -15.93 -15.57
N VAL B 289 5.77 -17.22 -15.24
CA VAL B 289 4.94 -18.14 -15.99
C VAL B 289 3.47 -17.73 -15.91
N GLN B 290 3.01 -17.45 -14.69
CA GLN B 290 1.63 -17.04 -14.45
C GLN B 290 1.27 -15.80 -15.26
N LEU B 291 2.20 -14.85 -15.32
CA LEU B 291 1.99 -13.63 -16.09
C LEU B 291 1.92 -13.96 -17.57
N PHE B 292 2.84 -14.80 -18.02
CA PHE B 292 2.87 -15.30 -19.38
C PHE B 292 1.54 -15.96 -19.74
N MET B 293 1.16 -16.97 -18.95
CA MET B 293 -0.05 -17.72 -19.23
C MET B 293 -1.33 -16.90 -19.13
N ASP B 294 -1.35 -15.91 -18.23
CA ASP B 294 -2.55 -15.06 -18.10
C ASP B 294 -2.75 -14.17 -19.33
N ASN B 295 -1.66 -13.65 -19.88
CA ASN B 295 -1.73 -12.89 -21.13
C ASN B 295 -2.28 -13.79 -22.24
N VAL B 296 -1.83 -15.04 -22.24
CA VAL B 296 -2.29 -16.02 -23.21
C VAL B 296 -3.79 -16.25 -23.08
N ARG B 297 -4.26 -16.41 -21.84
CA ARG B 297 -5.67 -16.64 -21.58
C ARG B 297 -6.55 -15.50 -22.07
N ILE B 298 -6.08 -14.26 -21.89
CA ILE B 298 -6.82 -13.09 -22.32
C ILE B 298 -7.05 -13.13 -23.83
N LEU B 299 -5.98 -13.37 -24.58
CA LEU B 299 -6.02 -13.40 -26.03
C LEU B 299 -6.90 -14.54 -26.54
N ARG B 300 -6.71 -15.71 -25.96
CA ARG B 300 -7.47 -16.90 -26.33
C ARG B 300 -8.96 -16.68 -26.18
N ARG B 301 -9.37 -15.95 -25.15
CA ARG B 301 -10.78 -15.73 -24.86
C ARG B 301 -11.37 -14.65 -25.76
N GLU B 302 -10.50 -13.94 -26.47
CA GLU B 302 -10.93 -12.81 -27.28
C GLU B 302 -11.39 -13.27 -28.67
N HIS B 303 -12.66 -13.67 -28.76
CA HIS B 303 -13.25 -14.09 -30.02
C HIS B 303 -14.62 -13.46 -30.16
N SER B 304 -15.05 -13.20 -31.39
CA SER B 304 -16.35 -12.57 -31.63
C SER B 304 -17.48 -13.48 -31.20
N ALA C 41 4.01 55.30 25.54
CA ALA C 41 4.27 55.51 24.11
C ALA C 41 4.08 54.22 23.33
N VAL C 42 3.92 54.35 22.01
CA VAL C 42 3.73 53.19 21.13
C VAL C 42 5.06 52.66 20.62
N PRO C 43 5.17 51.33 20.49
CA PRO C 43 6.40 50.68 20.05
C PRO C 43 6.61 50.81 18.55
N LYS C 44 7.73 50.28 18.06
CA LYS C 44 8.00 50.25 16.64
C LYS C 44 7.39 48.99 16.02
N ILE C 45 7.29 47.94 16.82
CA ILE C 45 6.77 46.66 16.36
C ILE C 45 5.90 45.94 17.39
N GLU C 46 5.01 45.08 16.91
CA GLU C 46 4.28 44.15 17.75
C GLU C 46 4.45 42.73 17.21
N MET C 47 4.54 41.76 18.12
CA MET C 47 4.81 40.37 17.75
C MET C 47 3.71 39.77 16.87
N ASN C 48 2.48 40.21 17.08
CA ASN C 48 1.34 39.84 16.24
C ASN C 48 0.24 40.88 16.41
N PHE C 49 -0.96 40.58 15.90
CA PHE C 49 -2.05 41.56 15.98
C PHE C 49 -2.78 41.56 17.33
N LEU C 50 -2.43 40.61 18.20
CA LEU C 50 -3.01 40.58 19.53
C LEU C 50 -2.06 41.15 20.59
N ASN C 51 -0.82 41.43 20.17
CA ASN C 51 0.21 41.99 21.04
C ASN C 51 0.63 41.04 22.17
N LYS C 52 0.17 39.80 22.10
CA LYS C 52 0.57 38.79 23.07
C LYS C 52 1.20 37.60 22.36
N PRO C 53 2.24 37.01 22.97
CA PRO C 53 2.98 35.93 22.31
C PRO C 53 2.11 34.69 22.11
N ILE C 54 2.35 33.96 21.01
CA ILE C 54 1.67 32.70 20.78
C ILE C 54 2.66 31.55 20.77
N VAL C 55 2.18 30.37 21.15
CA VAL C 55 3.03 29.19 21.24
C VAL C 55 2.75 28.25 20.08
N PRO C 56 3.81 27.84 19.37
CA PRO C 56 3.73 26.91 18.24
C PRO C 56 3.13 25.56 18.65
N ASP C 57 2.62 24.81 17.68
CA ASP C 57 2.03 23.49 17.93
C ASP C 57 2.99 22.55 18.65
N THR C 58 4.18 22.40 18.10
CA THR C 58 5.17 21.46 18.64
C THR C 58 5.45 21.72 20.11
N THR C 59 5.56 23.00 20.46
CA THR C 59 5.84 23.38 21.84
C THR C 59 4.67 23.04 22.76
N LYS C 60 3.45 23.13 22.25
CA LYS C 60 2.26 22.76 23.02
C LYS C 60 2.17 21.25 23.20
N VAL C 61 2.38 20.52 22.10
CA VAL C 61 2.26 19.06 22.10
C VAL C 61 3.23 18.42 23.08
N ILE C 62 4.49 18.82 23.01
CA ILE C 62 5.51 18.32 23.92
C ILE C 62 5.20 18.72 25.36
N SER C 63 4.67 19.93 25.55
CA SER C 63 4.30 20.42 26.86
C SER C 63 3.20 19.56 27.48
N ASN C 64 2.19 19.24 26.70
CA ASN C 64 1.12 18.35 27.14
C ASN C 64 1.65 16.94 27.35
N PHE C 65 2.64 16.57 26.54
CA PHE C 65 3.31 15.27 26.65
C PHE C 65 4.03 15.15 28.00
N LEU C 66 4.69 16.23 28.41
CA LEU C 66 5.39 16.23 29.69
C LEU C 66 4.43 16.28 30.88
N THR C 67 3.44 17.16 30.81
CA THR C 67 2.49 17.32 31.93
C THR C 67 1.73 16.03 32.22
N HIS C 68 1.55 15.22 31.18
CA HIS C 68 0.85 13.96 31.33
C HIS C 68 1.61 13.01 32.24
N TYR C 69 2.92 12.92 32.04
CA TYR C 69 3.75 12.03 32.84
C TYR C 69 4.42 12.75 34.02
N LEU C 70 4.01 13.98 34.26
CA LEU C 70 4.49 14.74 35.42
C LEU C 70 3.36 15.03 36.40
N ILE C 71 2.15 15.19 35.88
CA ILE C 71 1.01 15.59 36.69
C ILE C 71 -0.17 14.61 36.58
N THR C 72 -0.57 14.32 35.36
CA THR C 72 -1.73 13.46 35.11
C THR C 72 -1.47 12.04 35.60
N GLU C 73 -0.44 11.40 35.03
CA GLU C 73 -0.01 10.09 35.48
C GLU C 73 1.44 10.19 35.93
N PRO C 74 1.66 10.73 37.15
CA PRO C 74 3.00 11.08 37.65
C PRO C 74 3.94 9.88 37.74
N VAL C 75 5.08 10.00 37.06
CA VAL C 75 6.15 9.02 37.17
C VAL C 75 7.03 9.40 38.34
N GLU C 76 7.21 8.48 39.29
CA GLU C 76 7.94 8.75 40.53
C GLU C 76 9.36 9.24 40.27
N HIS C 77 10.16 8.41 39.62
CA HIS C 77 11.54 8.79 39.29
C HIS C 77 11.67 8.99 37.79
N VAL C 78 11.08 10.07 37.31
CA VAL C 78 11.01 10.35 35.87
C VAL C 78 12.35 10.86 35.34
N GLU C 79 12.68 10.47 34.12
CA GLU C 79 13.87 10.96 33.44
C GLU C 79 13.52 11.47 32.04
N ILE C 80 13.51 12.79 31.89
CA ILE C 80 13.22 13.40 30.60
C ILE C 80 14.51 13.65 29.84
N GLU C 81 14.61 13.12 28.63
CA GLU C 81 15.81 13.34 27.80
C GLU C 81 15.51 13.31 26.30
N ALA C 82 16.15 14.22 25.58
CA ALA C 82 15.99 14.32 24.14
C ALA C 82 17.31 13.99 23.46
N LYS C 83 17.31 12.96 22.62
CA LYS C 83 18.55 12.52 21.99
C LYS C 83 18.58 12.82 20.50
N LEU C 84 19.75 13.23 20.01
CA LEU C 84 19.96 13.35 18.58
C LEU C 84 20.31 11.97 18.03
N GLY C 85 19.86 11.70 16.81
CA GLY C 85 20.14 10.42 16.19
C GLY C 85 19.54 10.32 14.80
N THR C 86 19.27 9.10 14.37
CA THR C 86 18.71 8.86 13.05
C THR C 86 17.47 7.98 13.14
N LEU C 87 16.36 8.46 12.60
CA LEU C 87 15.13 7.69 12.54
C LEU C 87 15.21 6.73 11.34
N ILE C 88 15.11 5.44 11.63
CA ILE C 88 15.33 4.42 10.61
C ILE C 88 14.03 3.76 10.14
N ASP C 89 13.80 3.79 8.83
CA ASP C 89 12.71 3.07 8.21
C ASP C 89 13.01 1.58 8.32
N LEU C 90 12.03 0.79 8.77
CA LEU C 90 12.25 -0.63 9.00
C LEU C 90 12.14 -1.50 7.76
N GLU C 91 11.31 -1.09 6.80
CA GLU C 91 11.15 -1.84 5.55
C GLU C 91 12.49 -1.92 4.82
N THR C 92 13.17 -0.79 4.73
CA THR C 92 14.54 -0.75 4.26
C THR C 92 15.46 -0.67 5.47
N GLN C 93 16.71 -0.28 5.25
CA GLN C 93 17.62 -0.05 6.36
C GLN C 93 18.32 1.28 6.18
N ASN C 94 17.57 2.25 5.67
CA ASN C 94 18.07 3.60 5.50
C ASN C 94 17.31 4.58 6.41
N ARG C 95 17.62 5.86 6.30
CA ARG C 95 16.94 6.86 7.12
C ARG C 95 15.49 7.05 6.66
N PHE C 96 14.60 7.19 7.63
CA PHE C 96 13.18 7.39 7.37
C PHE C 96 12.95 8.60 6.47
N GLU C 97 11.99 8.50 5.56
CA GLU C 97 11.67 9.60 4.65
C GLU C 97 10.18 9.88 4.65
N PHE C 98 9.83 11.14 4.87
CA PHE C 98 8.43 11.56 4.96
C PHE C 98 8.21 12.76 4.04
N PRO C 99 7.03 12.85 3.42
CA PRO C 99 6.72 13.93 2.48
C PRO C 99 6.45 15.26 3.21
N VAL C 100 7.35 15.65 4.10
CA VAL C 100 7.22 16.90 4.83
C VAL C 100 8.49 17.74 4.69
N MET C 101 8.37 19.04 4.92
CA MET C 101 9.49 19.95 4.69
C MET C 101 9.97 20.65 5.96
N ASN C 102 9.37 20.29 7.09
CA ASN C 102 9.78 20.88 8.37
C ASN C 102 9.81 19.86 9.49
N GLU C 103 10.42 20.25 10.61
CA GLU C 103 10.44 19.42 11.82
C GLU C 103 9.02 19.01 12.19
N THR C 104 8.81 17.71 12.30
CA THR C 104 7.46 17.18 12.47
C THR C 104 7.37 16.07 13.52
N ILE C 105 6.55 16.31 14.54
CA ILE C 105 6.28 15.30 15.55
C ILE C 105 5.42 14.20 14.95
N LEU C 106 5.98 13.00 14.85
CA LEU C 106 5.25 11.87 14.27
C LEU C 106 4.20 11.33 15.23
N ASN C 107 3.05 10.97 14.67
CA ASN C 107 2.00 10.36 15.46
C ASN C 107 2.29 8.87 15.65
N PRO C 108 2.29 8.40 16.90
CA PRO C 108 2.59 7.01 17.28
C PRO C 108 1.78 5.99 16.47
N GLU C 109 0.53 6.34 16.16
CA GLU C 109 -0.34 5.47 15.37
C GLU C 109 0.17 5.37 13.94
N ARG C 113 6.68 1.54 12.53
CA ARG C 113 7.46 0.96 11.46
C ARG C 113 8.86 1.58 11.40
N THR C 114 9.28 2.17 12.50
CA THR C 114 10.58 2.84 12.55
C THR C 114 11.44 2.36 13.71
N ARG C 115 12.71 2.76 13.68
CA ARG C 115 13.67 2.43 14.72
C ARG C 115 14.62 3.61 14.91
N PHE C 116 14.87 3.99 16.16
CA PHE C 116 15.74 5.14 16.41
C PHE C 116 17.18 4.75 16.71
N GLU C 117 18.10 5.22 15.87
CA GLU C 117 19.52 4.96 16.06
C GLU C 117 20.18 6.12 16.80
N SER C 118 20.40 5.95 18.10
CA SER C 118 20.95 7.00 18.93
C SER C 118 22.42 7.25 18.64
N ASP C 119 23.10 6.26 18.07
CA ASP C 119 24.52 6.37 17.78
C ASP C 119 24.82 7.46 16.76
N MET C 120 26.07 7.87 16.70
CA MET C 120 26.50 8.98 15.86
C MET C 120 27.94 8.71 15.43
N THR C 121 28.35 9.28 14.31
CA THR C 121 29.71 9.08 13.83
C THR C 121 30.68 9.87 14.71
N ALA C 122 31.91 9.39 14.80
CA ALA C 122 32.93 10.05 15.63
C ALA C 122 33.25 11.45 15.10
N SER C 123 33.10 11.65 13.79
CA SER C 123 33.38 12.94 13.17
C SER C 123 32.28 13.95 13.47
N GLU C 124 31.04 13.46 13.55
CA GLU C 124 29.90 14.31 13.91
C GLU C 124 29.95 14.69 15.39
N HIS C 125 30.41 13.76 16.22
CA HIS C 125 30.50 13.98 17.66
C HIS C 125 31.56 15.03 17.97
N LYS C 126 32.66 14.99 17.23
CA LYS C 126 33.75 15.94 17.42
C LYS C 126 33.36 17.34 16.98
N TYR C 127 32.61 17.43 15.89
CA TYR C 127 32.16 18.71 15.35
C TYR C 127 31.29 19.44 16.37
N LEU C 128 30.38 18.69 17.00
CA LEU C 128 29.49 19.22 18.02
C LEU C 128 30.27 19.53 19.28
N ASN C 129 31.26 18.68 19.59
CA ASN C 129 32.08 18.86 20.78
C ASN C 129 32.84 20.18 20.76
N GLU C 130 33.41 20.52 19.61
CA GLU C 130 34.13 21.77 19.45
C GLU C 130 33.18 22.96 19.40
N PHE C 131 32.00 22.72 18.83
CA PHE C 131 30.97 23.74 18.77
C PHE C 131 30.51 24.14 20.16
N LEU C 132 30.29 23.14 21.01
CA LEU C 132 29.87 23.38 22.38
C LEU C 132 30.98 24.02 23.21
N ASN C 133 32.22 23.66 22.92
CA ASN C 133 33.35 24.25 23.61
C ASN C 133 33.48 25.75 23.33
N GLN C 134 33.20 26.14 22.10
CA GLN C 134 33.22 27.56 21.74
C GLN C 134 32.01 28.29 22.32
N ALA C 135 30.88 27.60 22.35
CA ALA C 135 29.68 28.14 22.99
C ALA C 135 29.94 28.29 24.48
N PHE C 136 30.70 27.33 25.03
CA PHE C 136 31.09 27.37 26.43
C PHE C 136 31.90 28.62 26.75
N ARG C 137 32.96 28.84 25.98
CA ARG C 137 33.84 29.99 26.19
C ARG C 137 33.12 31.33 25.99
N ASP C 138 32.29 31.40 24.96
CA ASP C 138 31.57 32.63 24.66
C ASP C 138 30.59 33.03 25.76
N SER C 139 30.09 32.05 26.50
CA SER C 139 29.11 32.32 27.56
C SER C 139 29.78 32.86 28.82
N GLN C 140 31.10 32.88 28.83
CA GLN C 140 31.84 33.41 29.97
C GLN C 140 32.08 34.90 29.79
N LYS C 141 31.71 35.41 28.62
CA LYS C 141 31.82 36.83 28.32
C LYS C 141 30.94 37.62 29.27
N PRO C 142 31.31 38.89 29.55
CA PRO C 142 30.52 39.74 30.44
C PRO C 142 29.11 39.98 29.91
N GLY C 143 28.13 39.90 30.79
CA GLY C 143 26.74 40.11 30.41
C GLY C 143 26.02 38.84 30.01
N ARG C 144 26.77 37.76 29.86
CA ARG C 144 26.19 36.49 29.43
C ARG C 144 25.80 35.60 30.59
N LEU C 145 24.91 34.64 30.34
CA LEU C 145 24.60 33.60 31.30
C LEU C 145 25.57 32.45 31.10
N PRO C 146 26.46 32.23 32.06
CA PRO C 146 27.58 31.29 31.95
C PRO C 146 27.18 29.81 31.84
N PHE C 147 27.87 29.09 30.97
CA PHE C 147 27.79 27.63 30.92
C PHE C 147 28.42 27.07 32.17
N ALA C 148 28.15 25.80 32.45
CA ALA C 148 28.87 25.08 33.50
C ALA C 148 29.35 23.74 32.95
N TYR C 149 30.52 23.31 33.40
CA TYR C 149 31.17 22.13 32.83
C TYR C 149 31.29 21.01 33.85
N LYS C 150 31.14 19.78 33.38
CA LYS C 150 31.32 18.60 34.22
C LYS C 150 31.65 17.38 33.37
N HIS C 151 32.82 16.79 33.63
CA HIS C 151 33.30 15.66 32.86
C HIS C 151 33.48 14.46 33.80
N THR C 152 32.71 13.41 33.57
CA THR C 152 32.77 12.22 34.43
C THR C 152 33.21 10.97 33.67
N LYS C 153 33.98 10.12 34.37
CA LYS C 153 34.38 8.83 33.84
C LYS C 153 33.70 7.76 34.67
N GLN C 154 32.75 7.04 34.07
CA GLN C 154 31.95 6.09 34.84
C GLN C 154 31.97 4.66 34.29
N VAL C 155 31.47 3.74 35.11
CA VAL C 155 31.35 2.34 34.73
C VAL C 155 29.92 1.88 34.97
N ASP C 156 29.32 1.24 33.98
CA ASP C 156 27.96 0.74 34.12
C ASP C 156 27.93 -0.78 34.16
N LEU C 157 27.64 -1.32 35.34
CA LEU C 157 27.52 -2.77 35.51
C LEU C 157 26.05 -3.17 35.42
N PHE C 158 25.73 -4.00 34.44
CA PHE C 158 24.35 -4.42 34.21
C PHE C 158 24.06 -5.82 34.74
N TYR C 159 23.00 -5.91 35.54
CA TYR C 159 22.55 -7.19 36.09
C TYR C 159 21.11 -7.43 35.67
N GLU C 160 20.75 -8.71 35.50
CA GLU C 160 19.41 -9.05 35.05
C GLU C 160 18.62 -9.85 36.07
N THR C 161 17.47 -10.36 35.66
CA THR C 161 16.62 -11.17 36.53
C THR C 161 15.87 -12.23 35.73
N ASP C 167 13.34 -6.47 32.54
CA ASP C 167 14.14 -5.27 32.76
C ASP C 167 15.59 -5.61 33.07
N LYS C 168 16.35 -4.60 33.50
CA LYS C 168 17.77 -4.77 33.77
C LYS C 168 18.21 -3.88 34.94
N ILE C 169 19.00 -4.42 35.85
CA ILE C 169 19.53 -3.65 36.96
C ILE C 169 20.88 -3.02 36.60
N ARG C 170 20.95 -1.71 36.69
CA ARG C 170 22.17 -0.99 36.34
C ARG C 170 22.86 -0.40 37.57
N VAL C 171 24.16 -0.66 37.71
CA VAL C 171 24.94 -0.09 38.79
C VAL C 171 26.03 0.82 38.23
N SER C 172 26.00 2.08 38.64
CA SER C 172 26.94 3.08 38.13
C SER C 172 28.05 3.36 39.12
N LYS C 173 29.30 3.30 38.65
CA LYS C 173 30.47 3.52 39.49
C LYS C 173 31.42 4.51 38.83
N ASN C 174 32.33 5.07 39.61
CA ASN C 174 33.41 5.89 39.07
C ASN C 174 34.56 5.02 38.59
N GLN C 175 35.19 5.41 37.49
CA GLN C 175 36.35 4.69 37.00
C GLN C 175 37.54 4.93 37.92
N SER C 176 37.53 6.07 38.60
CA SER C 176 38.64 6.46 39.47
C SER C 176 38.72 5.62 40.73
N ASP C 177 37.70 5.73 41.59
CA ASP C 177 37.75 5.08 42.90
C ASP C 177 36.82 3.89 43.05
N ASN C 178 36.20 3.47 41.96
CA ASN C 178 35.24 2.36 41.98
C ASN C 178 34.12 2.53 43.01
N GLN C 179 33.74 3.77 43.26
CA GLN C 179 32.69 4.07 44.23
C GLN C 179 31.33 4.12 43.55
N VAL C 180 30.32 3.55 44.20
CA VAL C 180 28.98 3.49 43.64
C VAL C 180 28.31 4.86 43.58
N LEU C 181 27.75 5.20 42.42
CA LEU C 181 27.05 6.46 42.25
C LEU C 181 25.54 6.24 42.23
N ALA C 182 25.12 5.12 41.63
CA ALA C 182 23.70 4.81 41.51
C ALA C 182 23.47 3.34 41.23
N CYS C 183 22.28 2.86 41.61
CA CYS C 183 21.89 1.48 41.35
C CYS C 183 20.39 1.45 41.08
N VAL C 184 20.02 1.49 39.81
CA VAL C 184 18.62 1.63 39.44
C VAL C 184 18.16 0.64 38.38
N LYS C 185 16.85 0.53 38.23
CA LYS C 185 16.25 -0.29 37.18
C LYS C 185 15.51 0.63 36.23
N LYS C 186 16.17 1.04 35.14
CA LYS C 186 15.60 2.00 34.21
C LYS C 186 14.52 1.38 33.33
N ARG C 187 13.38 2.07 33.23
CA ARG C 187 12.26 1.58 32.43
C ARG C 187 11.68 2.71 31.59
N ARG C 188 11.67 2.52 30.26
CA ARG C 188 11.14 3.52 29.35
C ARG C 188 9.62 3.59 29.45
N VAL C 189 9.09 4.81 29.49
CA VAL C 189 7.66 5.02 29.64
C VAL C 189 6.99 5.32 28.30
N ALA C 190 7.38 6.42 27.68
CA ALA C 190 6.80 6.82 26.40
C ALA C 190 7.82 7.54 25.53
N ASP C 191 7.54 7.62 24.22
CA ASP C 191 8.47 8.22 23.28
C ASP C 191 7.76 9.11 22.25
N LEU C 192 8.41 10.21 21.91
CA LEU C 192 7.98 11.05 20.80
C LEU C 192 9.11 11.20 19.81
N PHE C 193 8.83 10.87 18.55
CA PHE C 193 9.84 10.97 17.51
C PHE C 193 9.59 12.19 16.63
N LEU C 194 10.66 12.94 16.34
CA LEU C 194 10.55 14.13 15.52
C LEU C 194 11.38 13.98 14.26
N TYR C 195 10.71 13.80 13.12
CA TYR C 195 11.41 13.74 11.85
C TYR C 195 11.88 15.12 11.44
N CYS C 196 13.19 15.25 11.21
CA CYS C 196 13.80 16.54 10.89
C CYS C 196 14.51 16.47 9.54
N PRO C 197 13.77 16.71 8.45
CA PRO C 197 14.23 16.51 7.07
C PRO C 197 15.31 17.49 6.63
N ASN C 198 15.36 18.66 7.26
CA ASN C 198 16.30 19.70 6.85
C ASN C 198 17.66 19.56 7.52
N ASP C 199 17.76 18.62 8.46
CA ASP C 199 18.99 18.45 9.22
C ASP C 199 19.57 17.05 9.06
N ALA C 200 20.74 16.82 9.66
CA ALA C 200 21.39 15.53 9.60
C ALA C 200 20.94 14.62 10.72
N PHE C 201 20.23 15.19 11.69
CA PHE C 201 19.78 14.42 12.85
C PHE C 201 18.28 14.50 13.07
N ASP C 202 17.69 13.38 13.48
CA ASP C 202 16.32 13.36 13.95
C ASP C 202 16.35 13.39 15.46
N ILE C 203 15.20 13.55 16.10
CA ILE C 203 15.14 13.69 17.54
C ILE C 203 14.22 12.68 18.19
N ARG C 204 14.71 12.04 19.25
CA ARG C 204 13.88 11.18 20.07
C ARG C 204 13.70 11.81 21.44
N ILE C 205 12.45 12.05 21.81
CA ILE C 205 12.14 12.56 23.14
C ILE C 205 11.57 11.41 23.98
N SER C 206 12.39 10.91 24.89
CA SER C 206 12.02 9.72 25.66
C SER C 206 11.76 10.03 27.13
N ILE C 207 10.74 9.39 27.68
CA ILE C 207 10.46 9.47 29.11
C ILE C 207 10.72 8.11 29.76
N SER C 208 11.51 8.11 30.82
CA SER C 208 11.88 6.87 31.48
C SER C 208 11.60 6.92 32.99
N ASP C 209 11.80 5.78 33.65
CA ASP C 209 11.65 5.69 35.10
C ASP C 209 12.91 5.07 35.68
N GLU C 210 13.68 5.85 36.44
CA GLU C 210 14.90 5.34 37.06
C GLU C 210 14.63 4.86 38.50
N LEU C 211 14.06 3.66 38.61
CA LEU C 211 13.66 3.11 39.90
C LEU C 211 14.84 2.60 40.72
N PRO C 212 15.12 3.26 41.85
CA PRO C 212 16.21 2.85 42.75
C PRO C 212 15.93 1.48 43.35
N VAL C 213 16.84 0.53 43.18
CA VAL C 213 16.63 -0.82 43.66
C VAL C 213 17.79 -1.33 44.51
N SER C 214 17.62 -2.51 45.09
CA SER C 214 18.62 -3.12 45.95
C SER C 214 19.90 -3.46 45.19
N MET C 215 21.04 -3.30 45.86
CA MET C 215 22.33 -3.67 45.30
C MET C 215 22.37 -5.18 45.11
N PRO C 216 22.81 -5.63 43.93
CA PRO C 216 22.89 -7.07 43.60
C PRO C 216 23.78 -7.84 44.58
N SER C 217 23.56 -9.15 44.69
CA SER C 217 24.36 -10.00 45.56
C SER C 217 25.81 -10.07 45.08
N GLY C 218 26.73 -10.26 46.01
CA GLY C 218 28.14 -10.31 45.69
C GLY C 218 28.53 -11.50 44.83
N ASN C 219 27.81 -12.61 44.99
CA ASN C 219 28.07 -13.80 44.21
C ASN C 219 27.28 -13.83 42.91
N GLN C 220 27.17 -12.67 42.26
CA GLN C 220 26.42 -12.54 41.02
C GLN C 220 27.21 -11.73 39.99
N GLN C 221 27.47 -12.34 38.84
CA GLN C 221 28.24 -11.70 37.78
C GLN C 221 27.38 -10.80 36.89
N PRO C 222 27.96 -9.67 36.44
CA PRO C 222 27.27 -8.75 35.54
C PRO C 222 27.19 -9.33 34.13
N SER C 223 26.05 -9.13 33.45
CA SER C 223 25.90 -9.63 32.09
C SER C 223 26.56 -8.69 31.10
N LEU C 224 26.78 -7.45 31.52
CA LEU C 224 27.38 -6.43 30.65
C LEU C 224 28.07 -5.34 31.45
N THR C 225 29.33 -5.07 31.09
CA THR C 225 30.07 -3.97 31.69
C THR C 225 30.34 -2.91 30.62
N ARG C 226 29.91 -1.68 30.89
CA ARG C 226 29.99 -0.63 29.90
C ARG C 226 30.65 0.63 30.46
N LEU C 227 31.67 1.12 29.77
CA LEU C 227 32.39 2.32 30.20
C LEU C 227 31.79 3.57 29.54
N LYS C 228 31.59 4.61 30.34
CA LYS C 228 30.91 5.81 29.87
C LYS C 228 31.69 7.09 30.16
N ASP C 229 31.99 7.84 29.11
CA ASP C 229 32.69 9.12 29.24
C ASP C 229 31.73 10.27 28.92
N ARG C 230 31.29 10.99 29.95
CA ARG C 230 30.26 12.01 29.78
C ARG C 230 30.75 13.43 30.02
N VAL C 231 30.74 14.25 28.98
CA VAL C 231 31.03 15.67 29.10
C VAL C 231 29.73 16.43 29.24
N GLY C 232 29.53 17.07 30.38
CA GLY C 232 28.26 17.71 30.68
C GLY C 232 28.29 19.24 30.67
N TYR C 233 27.48 19.82 29.79
CA TYR C 233 27.27 21.26 29.77
C TYR C 233 25.89 21.56 30.35
N VAL C 234 25.80 22.58 31.19
CA VAL C 234 24.50 23.01 31.68
C VAL C 234 24.32 24.53 31.61
N HIS C 235 23.24 24.95 30.95
CA HIS C 235 22.97 26.36 30.76
C HIS C 235 21.51 26.67 31.04
N GLN C 236 21.26 27.54 32.02
CA GLN C 236 19.92 27.83 32.49
C GLN C 236 19.23 26.55 32.94
N GLU C 237 19.95 25.76 33.72
CA GLU C 237 19.47 24.49 34.25
C GLU C 237 18.97 23.55 33.16
N ILE C 238 19.66 23.56 32.02
CA ILE C 238 19.40 22.61 30.95
C ILE C 238 20.68 21.85 30.62
N LYS C 239 20.62 20.53 30.75
CA LYS C 239 21.79 19.69 30.61
C LYS C 239 22.02 19.27 29.17
N ILE C 240 23.27 19.39 28.71
CA ILE C 240 23.66 18.94 27.38
C ILE C 240 24.83 17.97 27.50
N ASP C 241 24.56 16.68 27.36
CA ASP C 241 25.57 15.66 27.62
C ASP C 241 26.12 14.99 26.37
N LEU C 242 27.45 15.04 26.23
CA LEU C 242 28.17 14.32 25.18
C LEU C 242 28.77 13.07 25.79
N THR C 243 28.35 11.91 25.30
CA THR C 243 28.82 10.65 25.89
C THR C 243 29.47 9.71 24.87
N LYS C 244 30.68 9.27 25.19
CA LYS C 244 31.32 8.19 24.45
C LYS C 244 31.17 6.93 25.29
N THR C 245 30.85 5.82 24.66
CA THR C 245 30.67 4.58 25.42
C THR C 245 31.25 3.34 24.71
N THR C 246 31.79 2.42 25.50
CA THR C 246 32.37 1.17 25.00
C THR C 246 31.80 -0.01 25.78
N GLN C 247 31.54 -1.11 25.07
CA GLN C 247 30.95 -2.29 25.70
C GLN C 247 31.88 -3.50 25.63
N ASN C 248 31.58 -4.52 26.42
CA ASN C 248 32.38 -5.74 26.46
C ASN C 248 31.54 -6.99 26.21
N ASP C 249 30.41 -6.81 25.54
CA ASP C 249 29.53 -7.93 25.21
C ASP C 249 29.22 -7.93 23.72
N PRO C 250 30.03 -8.66 22.94
CA PRO C 250 31.15 -9.47 23.42
C PRO C 250 32.43 -8.66 23.58
N VAL C 251 33.49 -9.30 24.06
CA VAL C 251 34.73 -8.62 24.39
C VAL C 251 35.41 -8.01 23.16
N TYR C 252 35.26 -8.69 22.03
CA TYR C 252 35.91 -8.25 20.79
C TYR C 252 35.06 -7.29 19.97
N ASP C 253 34.32 -6.42 20.64
CA ASP C 253 33.56 -5.36 19.97
C ASP C 253 34.08 -4.02 20.44
N THR C 254 35.26 -3.64 19.94
CA THR C 254 35.93 -2.41 20.38
C THR C 254 35.37 -1.16 19.72
N THR C 255 34.12 -1.22 19.27
CA THR C 255 33.49 -0.07 18.63
C THR C 255 33.03 0.95 19.67
N GLU C 256 33.29 2.23 19.41
CA GLU C 256 32.95 3.29 20.34
C GLU C 256 31.69 4.03 19.88
N ARG C 257 30.66 4.03 20.73
CA ARG C 257 29.41 4.73 20.44
C ARG C 257 29.48 6.20 20.85
N HIS C 258 28.88 7.06 20.04
CA HIS C 258 28.90 8.49 20.30
C HIS C 258 27.47 9.01 20.38
N GLU C 259 27.13 9.67 21.48
CA GLU C 259 25.77 10.17 21.68
C GLU C 259 25.74 11.62 22.14
N LEU C 260 24.56 12.24 22.01
CA LEU C 260 24.31 13.58 22.52
C LEU C 260 22.86 13.66 22.98
N GLU C 261 22.64 14.15 24.19
CA GLU C 261 21.29 14.27 24.72
C GLU C 261 21.09 15.56 25.50
N VAL C 262 19.84 16.00 25.58
CA VAL C 262 19.49 17.21 26.32
C VAL C 262 18.48 16.87 27.41
N GLU C 263 18.72 17.37 28.62
CA GLU C 263 17.87 17.06 29.76
C GLU C 263 17.48 18.30 30.54
N PHE C 264 16.41 18.21 31.29
CA PHE C 264 16.02 19.28 32.20
C PHE C 264 16.78 19.11 33.51
N GLY C 265 17.47 20.17 33.93
CA GLY C 265 18.31 20.10 35.11
C GLY C 265 17.55 20.02 36.41
N ASN C 266 16.33 20.57 36.42
CA ASN C 266 15.52 20.60 37.63
C ASN C 266 14.11 20.08 37.41
N ILE C 267 13.93 18.77 37.54
CA ILE C 267 12.63 18.13 37.39
C ILE C 267 11.59 18.74 38.32
N ALA C 268 12.02 19.10 39.53
CA ALA C 268 11.14 19.72 40.51
C ALA C 268 10.56 21.03 39.99
N ASP C 269 11.40 21.85 39.38
CA ASP C 269 10.96 23.11 38.80
C ASP C 269 10.00 22.86 37.64
N LEU C 270 10.36 21.91 36.78
CA LEU C 270 9.52 21.56 35.64
C LEU C 270 8.18 20.99 36.12
N ARG C 271 8.23 20.26 37.23
CA ARG C 271 7.02 19.68 37.82
C ARG C 271 6.08 20.78 38.29
N ASP C 272 6.66 21.79 38.94
CA ASP C 272 5.90 22.93 39.44
C ASP C 272 5.28 23.71 38.28
N ARG C 273 6.07 23.93 37.22
CA ARG C 273 5.58 24.62 36.03
C ARG C 273 4.45 23.84 35.35
N ALA C 274 4.60 22.51 35.31
CA ALA C 274 3.59 21.65 34.71
C ALA C 274 2.30 21.69 35.52
N GLN C 275 2.44 21.82 36.84
CA GLN C 275 1.29 21.91 37.72
C GLN C 275 0.51 23.19 37.44
N LYS C 276 1.23 24.31 37.35
CA LYS C 276 0.62 25.59 37.01
C LYS C 276 -0.02 25.52 35.64
N ALA C 277 0.67 24.88 34.70
CA ALA C 277 0.21 24.78 33.32
C ALA C 277 -1.15 24.11 33.23
N LYS C 278 -1.32 23.03 33.98
CA LYS C 278 -2.59 22.31 34.00
C LYS C 278 -3.69 23.15 34.63
N ASP C 279 -3.31 23.98 35.60
CA ASP C 279 -4.29 24.78 36.35
C ASP C 279 -4.59 26.13 35.70
N GLY C 280 -4.36 26.22 34.40
CA GLY C 280 -4.68 27.44 33.68
C GLY C 280 -3.49 28.20 33.12
N MET C 281 -2.56 28.57 34.01
CA MET C 281 -1.40 29.35 33.60
C MET C 281 -0.36 28.49 32.88
N GLU C 282 -0.47 28.41 31.56
CA GLU C 282 0.38 27.55 30.76
C GLU C 282 1.70 28.20 30.35
N ALA C 283 1.81 29.51 30.53
CA ALA C 283 2.99 30.26 30.08
C ALA C 283 4.34 29.80 30.63
N PRO C 284 4.48 29.67 31.97
CA PRO C 284 5.81 29.35 32.49
C PRO C 284 6.32 27.97 32.04
N LEU C 285 5.41 27.04 31.77
CA LEU C 285 5.82 25.73 31.25
C LEU C 285 6.25 25.84 29.79
N PHE C 286 5.41 26.48 28.98
CA PHE C 286 5.69 26.64 27.55
C PHE C 286 7.05 27.30 27.34
N ARG C 287 7.33 28.32 28.15
CA ARG C 287 8.59 29.05 28.10
C ARG C 287 9.76 28.10 28.32
N ARG C 288 9.56 27.13 29.20
CA ARG C 288 10.62 26.22 29.61
C ARG C 288 10.97 25.21 28.52
N VAL C 289 9.96 24.55 27.95
CA VAL C 289 10.21 23.55 26.92
C VAL C 289 10.56 24.20 25.59
N GLN C 290 10.20 25.47 25.43
CA GLN C 290 10.56 26.21 24.23
C GLN C 290 12.08 26.44 24.23
N LEU C 291 12.59 26.83 25.39
CA LEU C 291 14.04 26.99 25.57
C LEU C 291 14.74 25.65 25.37
N PHE C 292 14.12 24.60 25.90
CA PHE C 292 14.62 23.24 25.76
C PHE C 292 14.71 22.85 24.29
N MET C 293 13.60 22.96 23.58
CA MET C 293 13.55 22.57 22.17
C MET C 293 14.43 23.45 21.29
N ASP C 294 14.56 24.72 21.66
CA ASP C 294 15.43 25.63 20.92
C ASP C 294 16.90 25.23 21.05
N ASN C 295 17.29 24.78 22.24
CA ASN C 295 18.64 24.27 22.43
C ASN C 295 18.86 22.97 21.67
N VAL C 296 17.80 22.17 21.55
CA VAL C 296 17.85 20.95 20.78
C VAL C 296 18.01 21.25 19.30
N ARG C 297 17.25 22.24 18.83
CA ARG C 297 17.28 22.62 17.42
C ARG C 297 18.62 23.23 17.01
N ILE C 298 19.26 23.94 17.93
CA ILE C 298 20.57 24.51 17.65
C ILE C 298 21.60 23.41 17.42
N LEU C 299 21.64 22.45 18.33
CA LEU C 299 22.58 21.33 18.24
C LEU C 299 22.31 20.49 17.00
N ARG C 300 21.04 20.24 16.74
CA ARG C 300 20.61 19.42 15.61
C ARG C 300 21.07 20.00 14.27
N ARG C 301 21.05 21.31 14.15
CA ARG C 301 21.41 21.99 12.90
C ARG C 301 22.92 22.07 12.71
N GLU C 302 23.67 21.75 13.76
CA GLU C 302 25.13 21.87 13.71
C GLU C 302 25.75 20.63 13.07
N HIS C 303 26.33 20.80 11.89
CA HIS C 303 26.95 19.70 11.15
C HIS C 303 27.93 20.25 10.12
N SER C 304 28.93 19.46 9.77
CA SER C 304 29.93 19.87 8.79
C SER C 304 29.39 19.86 7.37
N ALA D 41 22.81 44.89 33.57
CA ALA D 41 24.00 44.08 33.87
C ALA D 41 23.92 42.71 33.20
N VAL D 42 23.23 41.78 33.85
CA VAL D 42 23.07 40.43 33.33
C VAL D 42 21.58 40.05 33.36
N PRO D 43 21.06 39.52 32.23
CA PRO D 43 19.63 39.22 32.09
C PRO D 43 19.12 38.12 33.02
N LYS D 44 17.80 38.06 33.18
CA LYS D 44 17.17 37.02 33.98
C LYS D 44 17.14 35.71 33.21
N ILE D 45 16.87 35.80 31.91
CA ILE D 45 16.82 34.63 31.04
C ILE D 45 17.48 34.89 29.70
N GLU D 46 17.81 33.81 28.99
CA GLU D 46 18.23 33.89 27.59
C GLU D 46 17.38 32.92 26.77
N MET D 47 17.19 33.24 25.49
CA MET D 47 16.32 32.44 24.63
C MET D 47 16.93 31.09 24.26
N ASN D 48 18.26 31.00 24.36
CA ASN D 48 18.99 29.76 24.12
C ASN D 48 20.44 29.94 24.56
N PHE D 49 21.22 28.86 24.56
CA PHE D 49 22.59 28.92 25.06
C PHE D 49 23.54 29.73 24.17
N LEU D 50 23.08 30.10 22.98
CA LEU D 50 23.85 30.95 22.09
C LEU D 50 23.48 32.42 22.30
N ASN D 51 22.39 32.64 23.02
CA ASN D 51 21.84 33.99 23.23
C ASN D 51 21.63 34.72 21.91
N LYS D 52 21.22 33.98 20.89
CA LYS D 52 20.94 34.54 19.58
C LYS D 52 19.61 33.99 19.09
N PRO D 53 18.80 34.84 18.44
CA PRO D 53 17.49 34.39 17.97
C PRO D 53 17.64 33.32 16.89
N ILE D 54 16.83 32.27 17.00
CA ILE D 54 16.83 31.23 15.97
C ILE D 54 15.44 31.11 15.34
N VAL D 55 15.40 30.61 14.12
CA VAL D 55 14.17 30.55 13.36
C VAL D 55 13.77 29.11 13.07
N PRO D 56 12.50 28.75 13.37
CA PRO D 56 11.96 27.41 13.11
C PRO D 56 12.02 27.04 11.63
N ASP D 57 12.00 25.75 11.33
CA ASP D 57 12.04 25.27 9.95
C ASP D 57 10.97 25.93 9.08
N THR D 58 9.74 25.91 9.59
CA THR D 58 8.58 26.40 8.86
C THR D 58 8.79 27.82 8.30
N THR D 59 9.25 28.73 9.16
CA THR D 59 9.47 30.10 8.72
C THR D 59 10.57 30.19 7.67
N LYS D 60 11.61 29.36 7.81
CA LYS D 60 12.69 29.35 6.83
C LYS D 60 12.22 28.84 5.48
N VAL D 61 11.44 27.77 5.50
CA VAL D 61 10.94 27.16 4.26
C VAL D 61 10.04 28.13 3.50
N ILE D 62 9.09 28.72 4.20
CA ILE D 62 8.18 29.69 3.60
C ILE D 62 8.92 30.91 3.07
N SER D 63 9.97 31.33 3.79
CA SER D 63 10.76 32.46 3.36
C SER D 63 11.51 32.17 2.05
N ASN D 64 12.09 30.98 1.95
CA ASN D 64 12.73 30.57 0.71
C ASN D 64 11.71 30.44 -0.40
N PHE D 65 10.51 30.00 -0.02
CA PHE D 65 9.40 29.86 -0.95
C PHE D 65 8.99 31.19 -1.54
N LEU D 66 9.13 32.26 -0.75
CA LEU D 66 8.74 33.59 -1.20
C LEU D 66 9.82 34.26 -2.05
N THR D 67 11.08 34.12 -1.64
CA THR D 67 12.18 34.71 -2.38
C THR D 67 12.32 34.10 -3.77
N HIS D 68 11.88 32.85 -3.90
CA HIS D 68 11.95 32.16 -5.18
C HIS D 68 10.88 32.67 -6.16
N TYR D 69 10.06 33.60 -5.71
CA TYR D 69 9.06 34.19 -6.59
C TYR D 69 9.05 35.71 -6.47
N LEU D 70 10.01 36.24 -5.72
CA LEU D 70 10.19 37.67 -5.58
C LEU D 70 11.55 38.08 -6.17
N ILE D 71 12.58 37.32 -5.85
CA ILE D 71 13.94 37.63 -6.30
C ILE D 71 14.38 36.75 -7.47
N THR D 72 14.67 35.48 -7.18
CA THR D 72 14.95 34.53 -8.25
C THR D 72 13.62 34.18 -8.87
N GLU D 73 13.58 34.09 -10.20
CA GLU D 73 12.32 33.85 -10.93
C GLU D 73 11.20 34.80 -10.51
N PRO D 74 11.39 36.11 -10.71
CA PRO D 74 10.40 37.09 -10.22
C PRO D 74 9.07 36.99 -10.96
N VAL D 75 7.98 37.12 -10.24
CA VAL D 75 6.66 37.14 -10.85
C VAL D 75 6.29 38.59 -11.18
N GLU D 76 5.83 38.81 -12.41
CA GLU D 76 5.52 40.15 -12.92
C GLU D 76 4.63 40.97 -11.98
N HIS D 77 3.45 40.44 -11.69
CA HIS D 77 2.53 41.12 -10.78
C HIS D 77 2.14 40.16 -9.66
N VAL D 78 3.10 39.85 -8.81
CA VAL D 78 2.96 38.82 -7.79
C VAL D 78 1.88 39.14 -6.77
N GLU D 79 1.16 38.10 -6.35
CA GLU D 79 0.18 38.22 -5.29
C GLU D 79 0.39 37.08 -4.30
N ILE D 80 0.68 37.42 -3.04
CA ILE D 80 0.87 36.42 -2.00
C ILE D 80 -0.33 36.40 -1.07
N GLU D 81 -0.94 35.24 -0.88
CA GLU D 81 -2.07 35.13 0.02
C GLU D 81 -2.17 33.77 0.72
N ALA D 82 -2.48 33.81 2.01
CA ALA D 82 -2.66 32.59 2.80
C ALA D 82 -4.13 32.46 3.19
N LYS D 83 -4.78 31.42 2.70
CA LYS D 83 -6.22 31.27 2.89
C LYS D 83 -6.56 30.10 3.81
N LEU D 84 -7.42 30.35 4.79
CA LEU D 84 -7.92 29.29 5.66
C LEU D 84 -8.85 28.38 4.89
N GLY D 85 -9.02 27.16 5.39
CA GLY D 85 -9.90 26.21 4.73
C GLY D 85 -9.61 24.79 5.19
N THR D 86 -10.12 23.82 4.45
CA THR D 86 -9.92 22.41 4.80
C THR D 86 -9.25 21.66 3.66
N LEU D 87 -8.22 20.90 3.99
CA LEU D 87 -7.52 20.10 3.02
C LEU D 87 -8.25 18.78 2.84
N ILE D 88 -8.72 18.52 1.63
CA ILE D 88 -9.53 17.33 1.36
C ILE D 88 -8.72 16.25 0.65
N ASP D 89 -8.81 15.02 1.17
CA ASP D 89 -8.19 13.87 0.52
C ASP D 89 -9.06 13.46 -0.66
N LEU D 90 -8.43 13.03 -1.75
CA LEU D 90 -9.17 12.73 -2.98
C LEU D 90 -9.79 11.33 -3.04
N GLU D 91 -9.09 10.34 -2.49
CA GLU D 91 -9.59 8.96 -2.54
C GLU D 91 -10.82 8.80 -1.65
N THR D 92 -10.97 9.69 -0.69
CA THR D 92 -12.21 9.84 0.05
C THR D 92 -12.78 11.21 -0.29
N GLN D 93 -13.76 11.66 0.48
CA GLN D 93 -14.29 13.01 0.31
C GLN D 93 -14.43 13.69 1.67
N ASN D 94 -13.54 13.31 2.58
CA ASN D 94 -13.47 13.94 3.89
C ASN D 94 -12.16 14.70 4.03
N ARG D 95 -11.95 15.33 5.18
CA ARG D 95 -10.75 16.11 5.42
C ARG D 95 -9.51 15.20 5.39
N PHE D 96 -8.40 15.74 4.91
CA PHE D 96 -7.14 15.01 4.81
C PHE D 96 -6.69 14.46 6.16
N GLU D 97 -6.09 13.27 6.13
CA GLU D 97 -5.57 12.63 7.32
C GLU D 97 -4.07 12.39 7.20
N PHE D 98 -3.34 12.63 8.29
CA PHE D 98 -1.89 12.48 8.27
C PHE D 98 -1.38 12.16 9.67
N PRO D 99 -0.46 11.20 9.78
CA PRO D 99 0.08 10.77 11.07
C PRO D 99 1.08 11.76 11.66
N VAL D 100 0.65 13.01 11.80
CA VAL D 100 1.49 14.04 12.42
C VAL D 100 0.70 14.74 13.52
N MET D 101 1.39 15.44 14.40
CA MET D 101 0.73 16.06 15.55
C MET D 101 0.97 17.55 15.65
N ASN D 102 1.43 18.16 14.56
CA ASN D 102 1.67 19.60 14.52
C ASN D 102 1.57 20.17 13.12
N GLU D 103 1.46 21.50 13.04
CA GLU D 103 1.43 22.21 11.77
C GLU D 103 2.58 21.76 10.87
N THR D 104 2.24 21.20 9.72
CA THR D 104 3.23 20.61 8.84
C THR D 104 3.13 21.11 7.40
N ILE D 105 4.27 21.56 6.86
CA ILE D 105 4.35 21.94 5.45
C ILE D 105 4.52 20.69 4.59
N LEU D 106 3.48 20.35 3.84
CA LEU D 106 3.51 19.18 2.98
C LEU D 106 4.37 19.44 1.74
N ASN D 107 4.82 18.36 1.11
CA ASN D 107 5.49 18.46 -0.18
C ASN D 107 4.48 18.53 -1.31
N PRO D 108 4.77 19.34 -2.33
CA PRO D 108 3.93 19.51 -3.52
C PRO D 108 3.49 18.19 -4.15
N GLU D 109 4.26 17.13 -3.92
CA GLU D 109 3.89 15.79 -4.37
C GLU D 109 2.61 15.33 -3.67
N ARG D 113 -3.04 14.29 -5.01
CA ARG D 113 -3.62 13.39 -4.00
C ARG D 113 -4.61 14.12 -3.12
N THR D 114 -4.48 15.45 -3.05
CA THR D 114 -5.35 16.26 -2.21
C THR D 114 -6.02 17.40 -2.98
N ARG D 115 -6.91 18.11 -2.29
CA ARG D 115 -7.61 19.25 -2.86
C ARG D 115 -7.97 20.22 -1.75
N PHE D 116 -7.72 21.51 -1.98
CA PHE D 116 -8.01 22.52 -0.97
C PHE D 116 -9.39 23.12 -1.15
N GLU D 117 -10.13 23.20 -0.04
CA GLU D 117 -11.46 23.79 -0.04
C GLU D 117 -11.44 25.09 0.76
N SER D 118 -11.39 26.21 0.04
CA SER D 118 -11.27 27.52 0.64
C SER D 118 -12.54 27.97 1.38
N ASP D 119 -13.63 27.22 1.19
CA ASP D 119 -14.91 27.59 1.80
C ASP D 119 -14.88 27.47 3.33
N MET D 120 -15.97 27.89 3.95
CA MET D 120 -16.07 27.94 5.41
C MET D 120 -17.53 28.15 5.77
N THR D 121 -17.99 27.52 6.86
CA THR D 121 -19.39 27.64 7.26
C THR D 121 -19.70 29.06 7.71
N ALA D 122 -20.99 29.38 7.79
CA ALA D 122 -21.41 30.72 8.19
C ALA D 122 -21.05 31.02 9.64
N SER D 123 -21.31 30.06 10.52
CA SER D 123 -21.03 30.21 11.95
C SER D 123 -19.53 30.43 12.19
N GLU D 124 -18.72 29.66 11.49
CA GLU D 124 -17.27 29.79 11.58
C GLU D 124 -16.82 31.17 11.11
N HIS D 125 -17.47 31.67 10.06
CA HIS D 125 -17.14 32.97 9.50
C HIS D 125 -17.58 34.10 10.43
N LYS D 126 -18.68 33.86 11.14
CA LYS D 126 -19.20 34.84 12.08
C LYS D 126 -18.34 34.91 13.34
N TYR D 127 -17.85 33.76 13.78
CA TYR D 127 -17.00 33.66 14.96
C TYR D 127 -15.71 34.45 14.73
N LEU D 128 -15.13 34.27 13.55
CA LEU D 128 -13.90 34.96 13.18
C LEU D 128 -14.11 36.45 12.98
N ASN D 129 -15.30 36.82 12.51
CA ASN D 129 -15.63 38.22 12.31
C ASN D 129 -15.75 38.97 13.64
N GLU D 130 -16.25 38.27 14.65
CA GLU D 130 -16.39 38.86 15.98
C GLU D 130 -15.07 38.90 16.72
N PHE D 131 -14.21 37.93 16.42
CA PHE D 131 -12.87 37.91 17.01
C PHE D 131 -12.08 39.10 16.48
N LEU D 132 -12.09 39.27 15.16
CA LEU D 132 -11.38 40.37 14.51
C LEU D 132 -11.92 41.73 14.94
N ASN D 133 -13.23 41.83 15.14
CA ASN D 133 -13.83 43.07 15.60
C ASN D 133 -13.38 43.43 17.01
N GLN D 134 -13.25 42.43 17.87
CA GLN D 134 -12.76 42.66 19.22
C GLN D 134 -11.28 43.01 19.20
N ALA D 135 -10.53 42.29 18.36
CA ALA D 135 -9.11 42.56 18.18
C ALA D 135 -8.90 43.94 17.61
N PHE D 136 -9.85 44.38 16.78
CA PHE D 136 -9.81 45.70 16.18
C PHE D 136 -9.96 46.80 17.24
N ARG D 137 -10.94 46.65 18.11
CA ARG D 137 -11.20 47.64 19.14
C ARG D 137 -10.08 47.71 20.18
N ASP D 138 -9.46 46.57 20.46
CA ASP D 138 -8.39 46.51 21.45
C ASP D 138 -7.11 47.17 20.96
N SER D 139 -6.96 47.28 19.64
CA SER D 139 -5.76 47.86 19.06
C SER D 139 -5.81 49.39 19.05
N GLN D 140 -6.96 49.94 19.39
CA GLN D 140 -7.13 51.40 19.42
C GLN D 140 -6.73 51.98 20.78
N LYS D 141 -6.56 51.11 21.76
CA LYS D 141 -6.16 51.51 23.09
C LYS D 141 -4.74 52.08 23.08
N PRO D 142 -4.40 52.92 24.08
CA PRO D 142 -3.07 53.53 24.17
C PRO D 142 -1.94 52.50 24.23
N GLY D 143 -0.85 52.77 23.53
CA GLY D 143 0.31 51.89 23.55
C GLY D 143 0.23 50.81 22.48
N ARG D 144 -0.96 50.62 21.93
CA ARG D 144 -1.18 49.61 20.90
C ARG D 144 -1.01 50.18 19.50
N LEU D 145 -0.57 49.33 18.58
CA LEU D 145 -0.57 49.67 17.16
C LEU D 145 -1.95 49.33 16.61
N PRO D 146 -2.63 50.32 16.03
CA PRO D 146 -4.04 50.20 15.65
C PRO D 146 -4.27 49.39 14.38
N PHE D 147 -5.44 48.74 14.31
CA PHE D 147 -5.91 48.13 13.08
C PHE D 147 -6.43 49.22 12.17
N ALA D 148 -6.58 48.90 10.88
CA ALA D 148 -7.26 49.77 9.95
C ALA D 148 -8.42 48.97 9.36
N TYR D 149 -9.54 49.64 9.10
CA TYR D 149 -10.73 48.95 8.63
C TYR D 149 -11.18 49.54 7.29
N LYS D 150 -11.46 48.66 6.34
CA LYS D 150 -11.92 49.07 5.02
C LYS D 150 -12.86 48.02 4.45
N HIS D 151 -14.15 48.35 4.41
CA HIS D 151 -15.17 47.42 3.93
C HIS D 151 -15.58 47.79 2.50
N THR D 152 -15.48 46.83 1.59
CA THR D 152 -15.81 47.08 0.20
C THR D 152 -16.89 46.15 -0.33
N LYS D 153 -17.81 46.71 -1.12
CA LYS D 153 -18.79 45.92 -1.84
C LYS D 153 -18.41 45.96 -3.31
N GLN D 154 -18.12 44.80 -3.89
CA GLN D 154 -17.68 44.75 -5.28
C GLN D 154 -18.37 43.69 -6.11
N VAL D 155 -18.34 43.88 -7.43
CA VAL D 155 -18.87 42.90 -8.37
C VAL D 155 -17.77 42.48 -9.32
N ASP D 156 -17.57 41.17 -9.45
CA ASP D 156 -16.54 40.64 -10.33
C ASP D 156 -17.15 39.97 -11.56
N LEU D 157 -16.74 40.44 -12.73
CA LEU D 157 -17.24 39.88 -13.99
C LEU D 157 -16.15 39.05 -14.67
N PHE D 158 -16.44 37.78 -14.87
CA PHE D 158 -15.48 36.86 -15.48
C PHE D 158 -15.80 36.58 -16.95
N TYR D 159 -14.78 36.55 -17.78
CA TYR D 159 -14.95 36.36 -19.22
C TYR D 159 -14.11 35.20 -19.73
N GLU D 160 -14.66 34.47 -20.70
CA GLU D 160 -13.97 33.33 -21.30
C GLU D 160 -12.89 33.83 -22.26
N THR D 161 -11.93 32.96 -22.57
CA THR D 161 -10.86 33.32 -23.50
C THR D 161 -10.68 32.25 -24.57
N ARG D 166 -4.76 28.78 -20.38
CA ARG D 166 -6.14 29.18 -20.54
C ARG D 166 -6.51 30.34 -19.62
N ASP D 167 -7.02 30.00 -18.43
CA ASP D 167 -7.46 30.98 -17.43
C ASP D 167 -8.60 31.85 -17.94
N LYS D 168 -9.01 32.82 -17.13
CA LYS D 168 -10.12 33.69 -17.47
C LYS D 168 -9.78 35.15 -17.20
N ILE D 169 -10.63 36.06 -17.67
CA ILE D 169 -10.41 37.49 -17.48
C ILE D 169 -11.41 38.07 -16.47
N ARG D 170 -10.88 38.64 -15.38
CA ARG D 170 -11.71 39.18 -14.32
C ARG D 170 -11.79 40.70 -14.37
N VAL D 171 -13.02 41.21 -14.34
CA VAL D 171 -13.27 42.64 -14.29
C VAL D 171 -13.92 43.01 -12.97
N SER D 172 -13.26 43.87 -12.20
CA SER D 172 -13.77 44.29 -10.89
C SER D 172 -14.43 45.67 -10.96
N LYS D 173 -15.66 45.76 -10.48
CA LYS D 173 -16.38 47.02 -10.42
C LYS D 173 -16.95 47.26 -9.03
N ASN D 174 -17.12 48.52 -8.66
CA ASN D 174 -17.76 48.85 -7.39
C ASN D 174 -19.25 48.55 -7.43
N GLN D 175 -19.77 48.04 -6.33
CA GLN D 175 -21.17 47.64 -6.26
C GLN D 175 -22.10 48.86 -6.14
N SER D 176 -21.50 50.04 -6.00
CA SER D 176 -22.27 51.27 -5.84
C SER D 176 -22.32 52.10 -7.13
N ASP D 177 -21.18 52.67 -7.51
CA ASP D 177 -21.12 53.56 -8.67
C ASP D 177 -20.78 52.84 -9.97
N ASN D 178 -20.58 51.52 -9.87
CA ASN D 178 -20.30 50.68 -11.03
C ASN D 178 -19.03 51.06 -11.79
N GLN D 179 -18.10 51.71 -11.09
CA GLN D 179 -16.83 52.11 -11.68
C GLN D 179 -15.87 50.93 -11.73
N VAL D 180 -15.13 50.82 -12.83
CA VAL D 180 -14.18 49.73 -13.00
C VAL D 180 -12.99 49.86 -12.05
N LEU D 181 -12.67 48.78 -11.35
CA LEU D 181 -11.55 48.77 -10.42
C LEU D 181 -10.29 48.18 -11.04
N ALA D 182 -10.43 47.00 -11.63
CA ALA D 182 -9.29 46.32 -12.25
C ALA D 182 -9.75 45.31 -13.29
N CYS D 183 -8.93 45.10 -14.31
CA CYS D 183 -9.21 44.14 -15.35
C CYS D 183 -7.99 43.24 -15.54
N VAL D 184 -7.99 42.10 -14.85
CA VAL D 184 -6.79 41.25 -14.80
C VAL D 184 -7.05 39.82 -15.22
N LYS D 185 -5.99 39.15 -15.66
CA LYS D 185 -6.02 37.74 -15.99
C LYS D 185 -5.19 36.99 -14.98
N LYS D 186 -5.84 36.52 -13.91
CA LYS D 186 -5.15 35.96 -12.76
C LYS D 186 -4.70 34.52 -12.99
N ARG D 187 -3.38 34.30 -12.91
CA ARG D 187 -2.82 32.97 -13.03
C ARG D 187 -2.06 32.60 -11.76
N ARG D 188 -2.28 31.38 -11.27
CA ARG D 188 -1.61 30.92 -10.06
C ARG D 188 -0.25 30.32 -10.37
N VAL D 189 0.76 30.75 -9.63
CA VAL D 189 2.14 30.32 -9.88
C VAL D 189 2.52 29.07 -9.08
N ALA D 190 2.51 29.20 -7.76
CA ALA D 190 2.90 28.09 -6.89
C ALA D 190 2.07 28.06 -5.61
N ASP D 191 2.02 26.89 -4.96
CA ASP D 191 1.26 26.73 -3.73
C ASP D 191 2.07 26.08 -2.62
N LEU D 192 1.61 26.26 -1.38
CA LEU D 192 2.11 25.52 -0.23
C LEU D 192 0.95 25.12 0.65
N PHE D 193 0.85 23.82 0.96
CA PHE D 193 -0.23 23.33 1.79
C PHE D 193 0.26 22.98 3.19
N LEU D 194 -0.41 23.52 4.20
CA LEU D 194 -0.07 23.24 5.58
C LEU D 194 -1.18 22.41 6.22
N TYR D 195 -0.86 21.16 6.56
CA TYR D 195 -1.81 20.34 7.30
C TYR D 195 -1.72 20.69 8.78
N CYS D 196 -2.85 21.13 9.34
CA CYS D 196 -2.89 21.58 10.72
C CYS D 196 -3.89 20.75 11.52
N PRO D 197 -3.42 19.63 12.08
CA PRO D 197 -4.28 18.64 12.76
C PRO D 197 -4.96 19.17 14.02
N ASN D 198 -4.26 20.02 14.77
CA ASN D 198 -4.79 20.50 16.04
C ASN D 198 -5.85 21.59 15.88
N ASP D 199 -6.08 22.01 14.63
CA ASP D 199 -7.03 23.08 14.36
C ASP D 199 -8.14 22.60 13.43
N ALA D 200 -9.16 23.44 13.26
CA ALA D 200 -10.29 23.10 12.42
C ALA D 200 -10.06 23.56 10.98
N PHE D 201 -8.94 24.24 10.77
CA PHE D 201 -8.60 24.77 9.45
C PHE D 201 -7.19 24.39 9.03
N ASP D 202 -7.02 24.14 7.74
CA ASP D 202 -5.69 23.98 7.17
C ASP D 202 -5.36 25.23 6.38
N ILE D 203 -4.11 25.37 5.96
CA ILE D 203 -3.67 26.61 5.31
C ILE D 203 -3.14 26.38 3.89
N ARG D 204 -3.51 27.28 2.99
CA ARG D 204 -2.99 27.27 1.64
C ARG D 204 -2.27 28.58 1.33
N ILE D 205 -0.95 28.51 1.18
CA ILE D 205 -0.18 29.69 0.81
C ILE D 205 0.03 29.70 -0.69
N SER D 206 -0.72 30.56 -1.39
CA SER D 206 -0.72 30.56 -2.85
C SER D 206 -0.05 31.81 -3.42
N ILE D 207 0.79 31.60 -4.43
CA ILE D 207 1.42 32.71 -5.14
C ILE D 207 0.81 32.82 -6.53
N SER D 208 0.29 34.00 -6.85
CA SER D 208 -0.41 34.20 -8.12
C SER D 208 0.15 35.35 -8.92
N ASP D 209 -0.25 35.43 -10.19
CA ASP D 209 0.17 36.50 -11.06
C ASP D 209 -1.03 37.22 -11.65
N GLU D 210 -1.33 38.40 -11.12
CA GLU D 210 -2.46 39.19 -11.59
C GLU D 210 -2.06 40.06 -12.77
N LEU D 211 -2.03 39.47 -13.96
CA LEU D 211 -1.61 40.18 -15.16
C LEU D 211 -2.71 41.10 -15.70
N PRO D 212 -2.46 42.42 -15.68
CA PRO D 212 -3.42 43.40 -16.17
C PRO D 212 -3.60 43.30 -17.68
N VAL D 213 -4.82 43.02 -18.12
CA VAL D 213 -5.11 42.91 -19.54
C VAL D 213 -6.10 43.98 -19.97
N SER D 214 -6.32 44.08 -21.28
CA SER D 214 -7.25 45.05 -21.83
C SER D 214 -8.69 44.61 -21.58
N MET D 215 -9.59 45.57 -21.49
CA MET D 215 -11.01 45.28 -21.31
C MET D 215 -11.54 44.44 -22.46
N PRO D 216 -12.40 43.46 -22.15
CA PRO D 216 -13.06 42.67 -23.18
C PRO D 216 -14.02 43.54 -24.00
N SER D 217 -14.44 43.04 -25.16
CA SER D 217 -15.36 43.79 -26.01
C SER D 217 -16.70 44.02 -25.30
N GLY D 218 -17.34 45.14 -25.61
CA GLY D 218 -18.61 45.48 -24.99
C GLY D 218 -19.74 44.59 -25.45
N ASN D 219 -19.48 43.77 -26.47
CA ASN D 219 -20.47 42.85 -27.01
C ASN D 219 -20.29 41.44 -26.45
N GLN D 220 -19.16 41.19 -25.81
CA GLN D 220 -18.90 39.90 -25.17
C GLN D 220 -19.51 39.88 -23.77
N GLN D 221 -20.57 39.09 -23.61
CA GLN D 221 -21.25 39.00 -22.33
C GLN D 221 -20.50 38.05 -21.38
N PRO D 222 -20.44 38.40 -20.09
CA PRO D 222 -19.75 37.61 -19.08
C PRO D 222 -20.36 36.22 -18.92
N SER D 223 -19.55 35.25 -18.52
CA SER D 223 -20.02 33.90 -18.29
C SER D 223 -20.34 33.70 -16.81
N LEU D 224 -19.76 34.55 -15.98
CA LEU D 224 -19.94 34.46 -14.54
C LEU D 224 -19.94 35.86 -13.92
N THR D 225 -20.92 36.10 -13.04
CA THR D 225 -20.98 37.35 -12.29
C THR D 225 -20.99 37.03 -10.80
N ARG D 226 -20.10 37.67 -10.06
CA ARG D 226 -19.93 37.37 -8.65
C ARG D 226 -19.99 38.62 -7.78
N LEU D 227 -20.78 38.56 -6.72
CA LEU D 227 -20.84 39.64 -5.75
C LEU D 227 -19.84 39.37 -4.64
N LYS D 228 -19.07 40.38 -4.25
CA LYS D 228 -18.01 40.17 -3.27
C LYS D 228 -18.05 41.17 -2.12
N ASP D 229 -18.45 40.69 -0.94
CA ASP D 229 -18.38 41.50 0.27
C ASP D 229 -17.05 41.26 0.96
N ARG D 230 -16.28 42.33 1.15
CA ARG D 230 -14.90 42.20 1.61
C ARG D 230 -14.60 43.09 2.82
N VAL D 231 -14.64 42.50 4.01
CA VAL D 231 -14.27 43.22 5.22
C VAL D 231 -12.77 43.07 5.42
N GLY D 232 -12.04 44.18 5.30
CA GLY D 232 -10.59 44.14 5.34
C GLY D 232 -9.99 44.83 6.55
N TYR D 233 -9.27 44.05 7.35
CA TYR D 233 -8.51 44.61 8.47
C TYR D 233 -7.04 44.72 8.07
N VAL D 234 -6.37 45.76 8.55
CA VAL D 234 -4.95 45.93 8.26
C VAL D 234 -4.20 46.25 9.55
N HIS D 235 -3.17 45.47 9.84
CA HIS D 235 -2.35 45.70 11.01
C HIS D 235 -0.88 45.44 10.69
N GLN D 236 -0.05 46.46 10.91
CA GLN D 236 1.36 46.42 10.54
C GLN D 236 1.57 45.99 9.09
N GLU D 237 0.78 46.58 8.19
CA GLU D 237 0.82 46.26 6.77
C GLU D 237 0.56 44.78 6.48
N ILE D 238 -0.11 44.10 7.40
CA ILE D 238 -0.60 42.75 7.13
C ILE D 238 -2.12 42.82 6.93
N LYS D 239 -2.57 42.36 5.77
CA LYS D 239 -3.97 42.44 5.42
C LYS D 239 -4.72 41.16 5.77
N ILE D 240 -5.82 41.31 6.50
CA ILE D 240 -6.66 40.18 6.89
C ILE D 240 -8.07 40.41 6.37
N ASP D 241 -8.45 39.64 5.36
CA ASP D 241 -9.71 39.90 4.65
C ASP D 241 -10.76 38.81 4.85
N LEU D 242 -11.90 39.20 5.41
CA LEU D 242 -13.08 38.36 5.45
C LEU D 242 -13.90 38.60 4.20
N THR D 243 -14.20 37.53 3.45
CA THR D 243 -14.87 37.67 2.16
C THR D 243 -16.10 36.79 2.01
N LYS D 244 -17.22 37.40 1.65
CA LYS D 244 -18.46 36.67 1.36
C LYS D 244 -18.85 36.86 -0.09
N THR D 245 -19.02 35.76 -0.83
CA THR D 245 -19.37 35.84 -2.24
C THR D 245 -20.59 35.01 -2.62
N THR D 246 -21.40 35.56 -3.52
CA THR D 246 -22.55 34.87 -4.10
C THR D 246 -22.43 34.91 -5.62
N GLN D 247 -23.10 33.98 -6.30
CA GLN D 247 -22.96 33.88 -7.75
C GLN D 247 -24.28 33.84 -8.51
N ASN D 248 -24.19 33.94 -9.83
CA ASN D 248 -25.36 33.94 -10.71
C ASN D 248 -25.33 32.83 -11.74
N ASP D 249 -24.36 31.93 -11.62
CA ASP D 249 -24.22 30.82 -12.55
C ASP D 249 -24.25 29.49 -11.81
N PRO D 250 -25.42 28.82 -11.78
CA PRO D 250 -26.67 29.30 -12.38
C PRO D 250 -27.36 30.28 -11.45
N VAL D 251 -28.40 30.94 -11.96
CA VAL D 251 -29.05 32.02 -11.24
C VAL D 251 -29.73 31.57 -9.95
N TYR D 252 -30.45 30.45 -10.02
CA TYR D 252 -31.20 29.94 -8.87
C TYR D 252 -30.31 29.46 -7.72
N ASP D 253 -29.04 29.20 -8.01
CA ASP D 253 -28.10 28.80 -6.97
C ASP D 253 -27.62 30.01 -6.17
N THR D 254 -28.20 30.21 -5.00
CA THR D 254 -27.87 31.37 -4.18
C THR D 254 -27.00 31.00 -2.98
N THR D 255 -26.02 30.13 -3.21
CA THR D 255 -25.07 29.76 -2.18
C THR D 255 -24.17 30.95 -1.86
N GLU D 256 -23.83 31.10 -0.59
CA GLU D 256 -22.94 32.17 -0.17
C GLU D 256 -21.62 31.60 0.34
N ARG D 257 -20.53 31.98 -0.31
CA ARG D 257 -19.21 31.47 0.03
C ARG D 257 -18.51 32.33 1.08
N HIS D 258 -18.09 31.71 2.18
CA HIS D 258 -17.38 32.42 3.24
C HIS D 258 -15.91 32.07 3.23
N GLU D 259 -15.06 33.08 3.27
CA GLU D 259 -13.61 32.88 3.24
C GLU D 259 -12.85 33.80 4.19
N LEU D 260 -11.56 33.53 4.36
CA LEU D 260 -10.67 34.39 5.13
C LEU D 260 -9.25 34.18 4.63
N GLU D 261 -8.54 35.27 4.39
CA GLU D 261 -7.17 35.18 3.89
C GLU D 261 -6.26 36.29 4.43
N VAL D 262 -4.96 36.01 4.45
CA VAL D 262 -3.98 36.97 4.97
C VAL D 262 -2.99 37.35 3.87
N GLU D 263 -2.75 38.65 3.71
CA GLU D 263 -1.87 39.13 2.65
C GLU D 263 -0.81 40.09 3.16
N PHE D 264 0.19 40.34 2.32
CA PHE D 264 1.17 41.39 2.57
C PHE D 264 0.70 42.67 1.87
N GLY D 265 0.67 43.77 2.60
CA GLY D 265 0.22 45.04 2.05
C GLY D 265 1.31 45.78 1.29
N ASN D 266 2.57 45.49 1.63
CA ASN D 266 3.68 46.17 1.00
C ASN D 266 4.64 45.19 0.31
N ILE D 267 4.26 44.77 -0.89
CA ILE D 267 5.06 43.81 -1.65
C ILE D 267 6.47 44.33 -1.95
N ALA D 268 6.56 45.61 -2.27
CA ALA D 268 7.86 46.24 -2.55
C ALA D 268 8.79 46.13 -1.35
N ASP D 269 8.23 46.29 -0.15
CA ASP D 269 9.02 46.17 1.08
C ASP D 269 9.37 44.70 1.34
N LEU D 270 8.46 43.81 0.99
CA LEU D 270 8.70 42.39 1.13
C LEU D 270 9.77 41.93 0.14
N ARG D 271 9.77 42.56 -1.03
CA ARG D 271 10.75 42.25 -2.06
C ARG D 271 12.14 42.66 -1.61
N ASP D 272 12.20 43.81 -0.94
CA ASP D 272 13.46 44.34 -0.43
C ASP D 272 14.05 43.41 0.62
N ARG D 273 13.20 42.95 1.54
CA ARG D 273 13.63 42.01 2.57
C ARG D 273 14.11 40.71 1.95
N ALA D 274 13.42 40.27 0.91
CA ALA D 274 13.76 39.04 0.22
C ALA D 274 15.10 39.15 -0.50
N GLN D 275 15.40 40.36 -0.98
CA GLN D 275 16.67 40.61 -1.65
C GLN D 275 17.83 40.46 -0.68
N LYS D 276 17.69 41.07 0.49
CA LYS D 276 18.72 40.99 1.52
C LYS D 276 18.96 39.57 1.96
N ALA D 277 17.88 38.81 2.09
CA ALA D 277 17.96 37.40 2.49
C ALA D 277 18.73 36.59 1.46
N LYS D 278 18.64 37.01 0.20
CA LYS D 278 19.36 36.34 -0.88
C LYS D 278 20.84 36.71 -0.83
N ASP D 279 21.16 37.78 -0.12
CA ASP D 279 22.53 38.27 -0.05
C ASP D 279 23.21 37.96 1.28
N GLY D 280 22.54 37.16 2.11
CA GLY D 280 23.14 36.72 3.36
C GLY D 280 22.58 37.39 4.60
N MET D 281 21.68 38.35 4.41
CA MET D 281 21.06 39.05 5.54
C MET D 281 19.56 38.74 5.57
N GLU D 282 19.20 37.65 6.24
CA GLU D 282 17.85 37.12 6.18
C GLU D 282 17.02 37.42 7.43
N ALA D 283 17.59 38.17 8.35
CA ALA D 283 16.89 38.57 9.57
C ALA D 283 15.58 39.34 9.33
N PRO D 284 15.61 40.42 8.51
CA PRO D 284 14.36 41.18 8.35
C PRO D 284 13.26 40.40 7.63
N LEU D 285 13.64 39.52 6.70
CA LEU D 285 12.64 38.70 6.01
C LEU D 285 11.99 37.72 6.96
N PHE D 286 12.80 37.12 7.83
CA PHE D 286 12.29 36.16 8.81
C PHE D 286 11.30 36.82 9.77
N ARG D 287 11.66 37.98 10.28
CA ARG D 287 10.79 38.73 11.18
C ARG D 287 9.45 39.03 10.53
N ARG D 288 9.49 39.28 9.23
CA ARG D 288 8.27 39.61 8.49
C ARG D 288 7.41 38.38 8.27
N VAL D 289 8.04 37.30 7.82
CA VAL D 289 7.33 36.06 7.57
C VAL D 289 6.78 35.47 8.87
N GLN D 290 7.56 35.58 9.94
CA GLN D 290 7.14 35.08 11.25
C GLN D 290 5.89 35.79 11.73
N LEU D 291 5.84 37.10 11.54
CA LEU D 291 4.68 37.90 11.91
C LEU D 291 3.46 37.45 11.10
N PHE D 292 3.64 37.40 9.78
CA PHE D 292 2.60 36.98 8.86
C PHE D 292 2.04 35.61 9.24
N MET D 293 2.93 34.66 9.49
CA MET D 293 2.52 33.30 9.82
C MET D 293 1.87 33.19 11.20
N ASP D 294 2.35 33.97 12.15
CA ASP D 294 1.77 33.97 13.49
C ASP D 294 0.33 34.48 13.46
N ASN D 295 0.08 35.53 12.68
CA ASN D 295 -1.27 36.06 12.51
C ASN D 295 -2.20 35.00 11.94
N VAL D 296 -1.70 34.24 10.97
CA VAL D 296 -2.45 33.14 10.38
C VAL D 296 -2.78 32.10 11.45
N ARG D 297 -1.79 31.80 12.28
CA ARG D 297 -1.96 30.79 13.33
C ARG D 297 -2.99 31.21 14.36
N ILE D 298 -3.00 32.49 14.71
CA ILE D 298 -3.98 33.02 15.66
C ILE D 298 -5.39 32.85 15.12
N LEU D 299 -5.57 33.18 13.84
CA LEU D 299 -6.89 33.09 13.21
C LEU D 299 -7.31 31.64 13.03
N ARG D 300 -6.35 30.79 12.66
CA ARG D 300 -6.60 29.37 12.43
C ARG D 300 -7.16 28.70 13.67
N ARG D 301 -6.74 29.17 14.85
CA ARG D 301 -7.12 28.54 16.11
C ARG D 301 -8.44 29.07 16.68
N GLU D 302 -9.05 30.01 15.97
CA GLU D 302 -10.29 30.62 16.44
C GLU D 302 -11.54 29.89 15.96
N HIS D 303 -11.97 28.88 16.72
CA HIS D 303 -13.19 28.15 16.42
C HIS D 303 -14.09 28.15 17.66
N SER D 304 -15.33 27.72 17.48
CA SER D 304 -16.28 27.68 18.59
C SER D 304 -16.06 26.44 19.47
#